data_6I3Z
#
_entry.id   6I3Z
#
_cell.length_a   37.538
_cell.length_b   51.930
_cell.length_c   105.869
_cell.angle_alpha   84.310
_cell.angle_beta   81.470
_cell.angle_gamma   78.950
#
_symmetry.space_group_name_H-M   'P 1'
#
loop_
_entity.id
_entity.type
_entity.pdbx_description
1 polymer Alpha-1-antitrypsin
2 polymer Alpha-1-antitrypsin
3 polymer 'Fab 2H2 heavy chain'
4 polymer 'Fab 2H2 light chain'
5 non-polymer 'SODIUM ION'
6 non-polymer 'SULFATE ION'
7 water water
#
loop_
_entity_poly.entity_id
_entity_poly.type
_entity_poly.pdbx_seq_one_letter_code
_entity_poly.pdbx_strand_id
1 'polypeptide(L)'
;MRGSDPQGDAAQKTDTSHHDQDHPTFNKITPNLAEFAFSLYRQLAHQSNSTNIFFSPVSIATAFAMLSLGTKADTHDEIL
EGLNFNLTEIPEAQIHEGFQELLRTLNQPDSQLQLTTGNGLFLSEGLKLVDKFLEDVKKLYHSEAFTVNFGDTEEAKKQI
NDYVEKGTQGKIVDLVKELDRDTVFALVNYIFFKGKWERPFEVKDTEEEDFHVDQVTTVKVPMMKRLGMFNIQHCKKLSS
WVLLMKYLGNATAIFFLPDEGKLQHLENELTHDIITKFLENEDRRSASLHLPKLSITGTYDLKSVLGQLGITKVFSNGAD
LSGVTEEAPLKLSKAVHKAVLTIDEKGTEAAGAMFL
;
A
2 'polypeptide(L)' EAIPMSIPPEVKFNKPFVFLMIEQNTKSPLFMGKVVNPTQK B
3 'polypeptide(L)'
;EVQLEESGGGLVKPGGSLKLSCAASGFAFSIYDMSWVRQTPEKRLEWVAYISSGGGTTYYPDTVKGRFTISRDNAKNTLY
LQMSSLKSEDTAIYYCARHAGVHYWGQGTTLTVSSAKTTPPSVYPLAPGSAAQTNSMVTLGCLVKGYFPEPVTVTWNSGS
LSSGVHTFPAVLQSDLYTLSSSVTVPSSTWPSETVTCNVAHPASSTKVDKKIVPRD
;
H
4 'polypeptide(L)'
;DIVMTQSPSSMYASLGERVTITCKASQDINSYLSWFQQKPGKSPKNLIYRANRLVDGVPSRFSGSGSGQDYSLTISSLEY
EDMGIYYCLQYDEFPWTFGGGTKLESKRADAAPTVSIFPPSSEQLTSGGASVVCFLNNFYPKDINVKWKIDGSERQNGVL
NSWTDQDSKDSTYSMSSTLTLTKDEYERHNSYTCEATHKTSTSPIVKSFNRNEC
;
L
#
loop_
_chem_comp.id
_chem_comp.type
_chem_comp.name
_chem_comp.formula
NA non-polymer 'SODIUM ION' 'Na 1'
SO4 non-polymer 'SULFATE ION' 'O4 S -2'
#
# COMPACT_ATOMS: atom_id res chain seq x y z
N LYS A 28 42.57 12.14 -9.02
CA LYS A 28 43.50 13.27 -8.97
C LYS A 28 43.11 14.24 -7.86
N ILE A 29 41.81 14.53 -7.74
CA ILE A 29 41.28 15.38 -6.69
C ILE A 29 40.31 14.63 -5.79
N THR A 30 40.12 13.34 -5.98
CA THR A 30 39.20 12.52 -5.20
C THR A 30 39.58 12.37 -3.72
N PRO A 31 40.88 12.34 -3.34
CA PRO A 31 41.18 12.30 -1.90
C PRO A 31 40.69 13.53 -1.15
N ASN A 32 40.87 14.72 -1.75
CA ASN A 32 40.30 15.92 -1.16
C ASN A 32 38.77 15.90 -1.25
N LEU A 33 38.22 15.19 -2.24
CA LEU A 33 36.78 15.19 -2.44
C LEU A 33 36.08 14.37 -1.36
N ALA A 34 36.69 13.26 -0.95
CA ALA A 34 36.11 12.46 0.12
C ALA A 34 36.25 13.15 1.48
N GLU A 35 37.37 13.84 1.70
CA GLU A 35 37.55 14.58 2.94
C GLU A 35 36.52 15.72 3.05
N PHE A 36 36.22 16.38 1.92
CA PHE A 36 35.16 17.38 1.92
C PHE A 36 33.80 16.74 2.19
N ALA A 37 33.53 15.60 1.57
CA ALA A 37 32.26 14.91 1.80
C ALA A 37 32.09 14.59 3.28
N PHE A 38 33.18 14.29 3.97
CA PHE A 38 33.10 13.92 5.38
C PHE A 38 33.06 15.15 6.28
N SER A 39 33.83 16.18 5.93
CA SER A 39 33.75 17.44 6.66
C SER A 39 32.36 18.05 6.56
N LEU A 40 31.76 18.01 5.37
CA LEU A 40 30.38 18.48 5.22
C LEU A 40 29.41 17.56 5.93
N TYR A 41 29.67 16.25 5.93
CA TYR A 41 28.79 15.30 6.59
C TYR A 41 28.76 15.51 8.10
N ARG A 42 29.94 15.70 8.70
CA ARG A 42 30.00 15.85 10.16
C ARG A 42 29.10 16.98 10.63
N GLN A 43 29.25 18.15 10.03
CA GLN A 43 28.53 19.34 10.50
C GLN A 43 27.03 19.22 10.24
N LEU A 44 26.65 18.61 9.10
CA LEU A 44 25.23 18.38 8.85
C LEU A 44 24.66 17.39 9.85
N ALA A 45 25.43 16.36 10.20
CA ALA A 45 24.97 15.38 11.17
C ALA A 45 25.10 15.90 12.59
N HIS A 46 26.21 16.58 12.90
CA HIS A 46 26.40 17.17 14.23
C HIS A 46 25.31 18.21 14.53
N GLN A 47 24.87 18.94 13.51
CA GLN A 47 23.78 19.90 13.71
C GLN A 47 22.56 19.19 14.29
N SER A 48 22.17 18.06 13.69
CA SER A 48 21.00 17.31 14.15
C SER A 48 21.17 15.85 13.72
N ASN A 49 21.10 14.95 14.69
CA ASN A 49 21.13 13.51 14.42
C ASN A 49 19.74 12.88 14.48
N SER A 50 18.70 13.71 14.49
CA SER A 50 17.33 13.25 14.74
C SER A 50 16.52 13.05 13.46
N THR A 51 17.12 13.26 12.29
CA THR A 51 16.43 13.07 11.02
C THR A 51 17.35 12.39 10.02
N ASN A 52 16.75 11.91 8.93
CA ASN A 52 17.51 11.27 7.87
C ASN A 52 18.40 12.28 7.15
N ILE A 53 19.51 11.78 6.61
CA ILE A 53 20.49 12.62 5.92
C ILE A 53 20.78 12.00 4.57
N PHE A 54 20.78 12.83 3.52
CA PHE A 54 21.12 12.37 2.18
C PHE A 54 21.50 13.58 1.35
N PHE A 55 22.76 13.63 0.90
CA PHE A 55 23.24 14.72 0.06
C PHE A 55 24.20 14.17 -0.98
N SER A 56 24.59 15.03 -1.90
CA SER A 56 25.52 14.66 -2.97
C SER A 56 26.77 15.53 -2.88
N PRO A 57 27.92 14.96 -2.51
CA PRO A 57 29.13 15.78 -2.40
C PRO A 57 29.61 16.31 -3.74
N VAL A 58 29.44 15.53 -4.82
CA VAL A 58 29.94 15.95 -6.11
C VAL A 58 29.17 17.18 -6.62
N SER A 59 27.85 17.16 -6.47
CA SER A 59 27.04 18.29 -6.92
C SER A 59 27.41 19.58 -6.19
N ILE A 60 27.55 19.49 -4.86
CA ILE A 60 27.93 20.68 -4.09
C ILE A 60 29.35 21.12 -4.45
N ALA A 61 30.27 20.16 -4.59
CA ALA A 61 31.66 20.50 -4.89
C ALA A 61 31.78 21.19 -6.24
N THR A 62 31.10 20.66 -7.26
CA THR A 62 31.14 21.27 -8.57
C THR A 62 30.53 22.66 -8.57
N ALA A 63 29.49 22.87 -7.74
CA ALA A 63 28.83 24.17 -7.69
C ALA A 63 29.78 25.26 -7.21
N PHE A 64 30.52 25.00 -6.13
CA PHE A 64 31.43 25.99 -5.60
C PHE A 64 32.77 26.00 -6.32
N ALA A 65 33.11 24.88 -6.96
CA ALA A 65 34.30 24.86 -7.82
C ALA A 65 34.03 25.60 -9.13
N MET A 66 32.79 25.53 -9.63
CA MET A 66 32.42 26.35 -10.78
C MET A 66 32.54 27.83 -10.46
N LEU A 67 32.07 28.24 -9.28
CA LEU A 67 32.21 29.63 -8.85
C LEU A 67 33.66 29.99 -8.51
N SER A 68 34.49 28.99 -8.23
CA SER A 68 35.89 29.26 -7.92
C SER A 68 36.64 29.89 -9.09
N LEU A 69 36.13 29.73 -10.31
CA LEU A 69 36.74 30.34 -11.49
C LEU A 69 36.27 31.77 -11.75
N GLY A 70 35.29 32.25 -11.00
CA GLY A 70 34.79 33.61 -11.19
C GLY A 70 34.89 34.48 -9.96
N THR A 71 35.76 34.11 -9.03
CA THR A 71 35.91 34.82 -7.77
C THR A 71 37.33 35.33 -7.61
N LYS A 72 37.45 36.45 -6.90
CA LYS A 72 38.73 37.11 -6.67
C LYS A 72 39.26 36.75 -5.28
N ALA A 73 40.44 37.30 -4.96
CA ALA A 73 41.22 36.84 -3.82
C ALA A 73 40.46 36.97 -2.50
N ASP A 74 40.81 36.07 -1.57
CA ASP A 74 40.36 36.03 -0.18
C ASP A 74 38.92 35.56 -0.07
N THR A 75 38.23 35.46 -1.20
CA THR A 75 37.00 34.72 -1.36
C THR A 75 37.23 33.48 -2.23
N HIS A 76 38.01 33.68 -3.29
CA HIS A 76 38.65 32.61 -4.04
C HIS A 76 39.29 31.57 -3.12
N ASP A 77 40.21 32.03 -2.26
CA ASP A 77 41.00 31.11 -1.46
C ASP A 77 40.12 30.36 -0.46
N GLU A 78 39.24 31.08 0.24
CA GLU A 78 38.35 30.44 1.19
C GLU A 78 37.46 29.39 0.51
N ILE A 79 37.16 29.58 -0.77
CA ILE A 79 36.38 28.58 -1.50
C ILE A 79 37.20 27.31 -1.71
N LEU A 80 38.45 27.44 -2.19
CA LEU A 80 39.20 26.21 -2.41
C LEU A 80 39.53 25.48 -1.12
N GLU A 81 39.88 26.24 -0.08
CA GLU A 81 40.15 25.66 1.23
C GLU A 81 38.94 24.98 1.83
N GLY A 82 37.75 25.52 1.57
CA GLY A 82 36.52 24.94 2.07
C GLY A 82 36.15 23.66 1.38
N LEU A 83 36.70 23.41 0.20
CA LEU A 83 36.60 22.13 -0.48
C LEU A 83 37.82 21.27 -0.19
N ASN A 84 38.56 21.61 0.87
CA ASN A 84 39.78 20.92 1.33
C ASN A 84 40.87 20.88 0.26
N PHE A 85 40.97 21.92 -0.56
CA PHE A 85 42.09 22.01 -1.50
C PHE A 85 43.17 22.93 -0.95
N LEU A 87 46.47 25.39 -3.62
CA LEU A 87 46.79 26.22 -2.47
C LEU A 87 48.03 25.72 -1.74
N THR A 88 47.93 24.50 -1.20
CA THR A 88 49.01 23.91 -0.42
C THR A 88 50.04 23.20 -1.31
N GLU A 89 49.59 22.21 -2.09
CA GLU A 89 50.48 21.46 -2.96
C GLU A 89 49.93 21.28 -4.36
N ILE A 90 48.78 21.85 -4.68
CA ILE A 90 48.18 21.71 -6.00
C ILE A 90 47.88 23.10 -6.55
N PRO A 91 48.20 23.38 -7.81
CA PRO A 91 47.86 24.68 -8.40
C PRO A 91 46.37 24.78 -8.71
N GLU A 92 45.93 26.02 -8.92
CA GLU A 92 44.53 26.28 -9.22
C GLU A 92 44.12 25.66 -10.56
N ALA A 93 45.04 25.61 -11.52
CA ALA A 93 44.71 25.04 -12.83
C ALA A 93 44.40 23.55 -12.71
N GLN A 94 45.31 22.80 -12.09
CA GLN A 94 45.14 21.35 -11.98
C GLN A 94 43.88 20.98 -11.19
N ILE A 95 43.39 21.88 -10.34
CA ILE A 95 42.14 21.65 -9.61
C ILE A 95 40.96 21.70 -10.57
N HIS A 96 40.82 22.80 -11.33
CA HIS A 96 39.67 22.94 -12.22
C HIS A 96 39.63 21.82 -13.24
N GLU A 97 40.79 21.37 -13.73
CA GLU A 97 40.82 20.33 -14.74
C GLU A 97 40.54 18.95 -14.16
N GLY A 98 40.75 18.77 -12.85
CA GLY A 98 40.29 17.56 -12.21
C GLY A 98 38.79 17.41 -12.29
N PHE A 99 38.06 18.52 -12.18
CA PHE A 99 36.60 18.49 -12.30
C PHE A 99 36.15 18.28 -13.74
N GLN A 100 36.95 18.65 -14.74
CA GLN A 100 36.53 18.39 -16.12
C GLN A 100 36.70 16.92 -16.46
N GLU A 101 37.78 16.30 -15.98
CA GLU A 101 37.90 14.85 -16.12
C GLU A 101 36.93 14.13 -15.19
N LEU A 102 36.57 14.77 -14.07
CA LEU A 102 35.55 14.21 -13.18
C LEU A 102 34.19 14.16 -13.86
N LEU A 103 33.71 15.31 -14.33
CA LEU A 103 32.38 15.37 -14.92
C LEU A 103 32.33 14.63 -16.26
N ARG A 104 33.43 14.57 -16.99
CA ARG A 104 33.45 13.85 -18.26
C ARG A 104 33.43 12.34 -18.01
N THR A 105 34.11 11.87 -16.98
CA THR A 105 34.11 10.44 -16.67
C THR A 105 32.74 10.00 -16.14
N LEU A 106 32.08 10.86 -15.36
CA LEU A 106 30.77 10.52 -14.82
C LEU A 106 29.67 10.62 -15.87
N ASN A 107 29.74 11.63 -16.73
CA ASN A 107 28.79 11.77 -17.83
C ASN A 107 29.04 10.78 -18.95
N GLN A 108 30.09 9.96 -18.87
CA GLN A 108 30.37 8.91 -19.84
C GLN A 108 30.41 7.56 -19.13
N PRO A 109 29.26 7.01 -18.74
CA PRO A 109 29.25 5.65 -18.19
C PRO A 109 29.01 4.62 -19.28
N ASP A 110 29.60 3.44 -19.07
CA ASP A 110 29.20 2.26 -19.82
C ASP A 110 27.78 1.88 -19.39
N SER A 111 26.81 2.22 -20.23
CA SER A 111 25.40 2.29 -19.83
C SER A 111 24.86 0.90 -19.51
N GLN A 112 24.86 0.56 -18.23
CA GLN A 112 24.04 -0.53 -17.72
C GLN A 112 23.31 0.13 -16.57
N LEU A 113 24.04 1.03 -15.93
CA LEU A 113 23.51 1.98 -14.96
C LEU A 113 23.45 3.34 -15.62
N GLN A 114 22.48 4.15 -15.21
CA GLN A 114 22.23 5.44 -15.83
C GLN A 114 22.71 6.55 -14.91
N LEU A 115 23.69 7.31 -15.37
CA LEU A 115 24.35 8.34 -14.58
C LEU A 115 24.63 9.54 -15.47
N THR A 116 24.14 10.70 -15.06
CA THR A 116 24.30 11.92 -15.84
C THR A 116 24.38 13.10 -14.91
N THR A 117 25.26 14.05 -15.22
CA THR A 117 25.40 15.30 -14.48
C THR A 117 25.22 16.46 -15.44
N GLY A 118 24.58 17.53 -14.96
CA GLY A 118 24.36 18.70 -15.78
C GLY A 118 24.60 19.99 -15.02
N ASN A 119 25.23 20.95 -15.68
CA ASN A 119 25.55 22.24 -15.09
C ASN A 119 24.79 23.34 -15.82
N GLY A 120 24.14 24.21 -15.05
CA GLY A 120 23.36 25.28 -15.62
C GLY A 120 23.78 26.62 -15.01
N LEU A 121 23.51 27.68 -15.76
CA LEU A 121 23.90 29.02 -15.34
C LEU A 121 22.91 30.00 -15.96
N PHE A 122 21.92 30.42 -15.16
CA PHE A 122 20.80 31.21 -15.64
C PHE A 122 21.12 32.70 -15.45
N LEU A 123 21.69 33.30 -16.50
CA LEU A 123 21.95 34.73 -16.53
C LEU A 123 20.69 35.48 -16.96
N SER A 124 20.73 36.81 -16.83
CA SER A 124 19.56 37.62 -17.12
C SER A 124 19.87 38.83 -18.00
N GLU A 125 20.98 38.79 -18.74
CA GLU A 125 21.35 39.84 -19.68
C GLU A 125 21.42 41.20 -19.00
N GLY A 126 22.28 41.27 -17.99
CA GLY A 126 22.48 42.50 -17.24
C GLY A 126 21.26 42.97 -16.47
N LYS A 128 25.71 42.02 -17.78
CA LYS A 128 27.11 42.28 -18.09
C LYS A 128 27.99 41.13 -17.64
N LEU A 129 28.73 40.55 -18.59
CA LEU A 129 29.60 39.41 -18.32
C LEU A 129 31.02 39.73 -18.76
N VAL A 130 31.99 39.16 -18.04
CA VAL A 130 33.40 39.38 -18.36
C VAL A 130 33.82 38.58 -19.58
N ASP A 131 33.16 37.45 -19.83
CA ASP A 131 33.35 36.61 -21.01
C ASP A 131 34.61 35.75 -20.94
N LYS A 132 35.45 36.01 -19.93
CA LYS A 132 36.50 35.07 -19.53
C LYS A 132 35.97 34.04 -18.55
N PHE A 133 35.04 34.46 -17.69
CA PHE A 133 34.27 33.51 -16.88
C PHE A 133 33.45 32.57 -17.75
N LEU A 134 32.87 33.10 -18.83
CA LEU A 134 32.09 32.28 -19.75
C LEU A 134 32.95 31.20 -20.39
N GLU A 135 34.09 31.59 -20.97
CA GLU A 135 34.94 30.62 -21.65
C GLU A 135 35.50 29.59 -20.68
N ASP A 136 35.71 29.98 -19.42
CA ASP A 136 36.25 29.03 -18.44
C ASP A 136 35.22 27.99 -18.03
N VAL A 137 33.98 28.42 -17.77
CA VAL A 137 32.96 27.48 -17.34
C VAL A 137 32.44 26.66 -18.52
N LYS A 138 32.51 27.21 -19.73
CA LYS A 138 32.13 26.43 -20.91
C LYS A 138 33.11 25.31 -21.19
N LYS A 139 34.38 25.50 -20.83
CA LYS A 139 35.41 24.50 -21.06
C LYS A 139 35.50 23.51 -19.89
N LEU A 140 35.60 24.03 -18.66
CA LEU A 140 35.90 23.16 -17.52
C LEU A 140 34.68 22.34 -17.11
N TYR A 141 33.48 22.92 -17.19
CA TYR A 141 32.31 22.30 -16.55
C TYR A 141 31.15 22.02 -17.52
N HIS A 142 31.38 22.08 -18.84
CA HIS A 142 30.35 21.72 -19.82
C HIS A 142 29.00 22.38 -19.54
N SER A 143 29.01 23.58 -18.98
CA SER A 143 27.74 24.21 -18.62
C SER A 143 26.96 24.60 -19.87
N GLU A 144 25.64 24.62 -19.75
CA GLU A 144 24.78 24.97 -20.87
C GLU A 144 24.51 26.48 -20.87
N GLY A 151 12.24 41.79 -11.67
CA GLY A 151 11.95 41.00 -12.87
C GLY A 151 10.77 40.07 -12.69
N ASP A 152 10.51 39.26 -13.72
CA ASP A 152 9.41 38.30 -13.67
C ASP A 152 9.82 37.10 -12.82
N THR A 153 9.19 36.96 -11.65
CA THR A 153 9.53 35.85 -10.77
C THR A 153 8.97 34.53 -11.30
N GLU A 154 7.76 34.55 -11.86
CA GLU A 154 7.09 33.32 -12.27
C GLU A 154 7.81 32.66 -13.44
N GLU A 155 8.22 33.44 -14.44
CA GLU A 155 8.85 32.88 -15.63
C GLU A 155 10.19 32.23 -15.29
N ALA A 156 10.99 32.88 -14.45
CA ALA A 156 12.30 32.34 -14.09
C ALA A 156 12.17 31.10 -13.21
N LYS A 157 11.21 31.11 -12.28
CA LYS A 157 11.06 29.98 -11.37
C LYS A 157 10.65 28.72 -12.10
N LYS A 158 9.70 28.84 -13.05
CA LYS A 158 9.24 27.67 -13.79
C LYS A 158 10.33 27.17 -14.73
N GLN A 159 11.13 28.07 -15.30
CA GLN A 159 12.16 27.66 -16.25
C GLN A 159 13.29 26.91 -15.55
N ILE A 160 13.69 27.36 -14.36
CA ILE A 160 14.76 26.71 -13.64
C ILE A 160 14.36 25.30 -13.21
N ASN A 161 13.15 25.16 -12.64
CA ASN A 161 12.74 23.87 -12.11
C ASN A 161 12.51 22.85 -13.21
N ASP A 162 12.14 23.30 -14.41
CA ASP A 162 12.04 22.35 -15.53
C ASP A 162 13.41 21.82 -15.92
N TYR A 163 14.42 22.69 -15.95
CA TYR A 163 15.79 22.26 -16.20
C TYR A 163 16.27 21.29 -15.13
N VAL A 164 15.83 21.48 -13.88
CA VAL A 164 16.20 20.56 -12.81
C VAL A 164 15.41 19.27 -12.92
N GLU A 165 14.15 19.35 -13.34
CA GLU A 165 13.31 18.17 -13.46
C GLU A 165 13.56 17.39 -14.75
N LYS A 166 14.19 18.01 -15.75
CA LYS A 166 14.40 17.34 -17.02
C LYS A 166 15.47 16.26 -16.90
N GLY A 167 16.66 16.64 -16.44
CA GLY A 167 17.76 15.69 -16.37
C GLY A 167 17.59 14.63 -15.30
N THR A 168 16.95 14.97 -14.19
CA THR A 168 16.76 14.04 -13.09
C THR A 168 15.56 13.13 -13.28
N GLN A 169 14.93 13.15 -14.45
CA GLN A 169 13.78 12.30 -14.76
C GLN A 169 12.64 12.51 -13.77
N GLY A 170 12.43 13.77 -13.39
CA GLY A 170 11.32 14.09 -12.51
C GLY A 170 11.50 13.72 -11.06
N LYS A 171 12.74 13.51 -10.62
CA LYS A 171 13.04 13.20 -9.23
C LYS A 171 13.14 14.47 -8.37
N ILE A 172 13.85 15.48 -8.86
CA ILE A 172 13.92 16.77 -8.20
C ILE A 172 13.09 17.74 -9.05
N VAL A 173 11.89 18.05 -8.59
CA VAL A 173 10.93 18.82 -9.38
C VAL A 173 10.69 20.21 -8.78
N ASP A 174 10.70 20.33 -7.45
CA ASP A 174 10.33 21.59 -6.82
C ASP A 174 11.46 22.16 -5.98
N LEU A 175 12.67 22.17 -6.52
CA LEU A 175 13.83 22.72 -5.81
C LEU A 175 13.72 24.24 -5.69
N ARG A 181 13.45 32.38 -6.26
CA ARG A 181 14.37 33.04 -7.19
C ARG A 181 14.68 34.46 -6.72
N ASP A 182 15.96 34.84 -6.69
CA ASP A 182 16.27 36.16 -6.17
C ASP A 182 16.60 37.20 -7.24
N THR A 183 17.70 37.04 -7.98
CA THR A 183 18.25 38.15 -8.75
C THR A 183 18.96 37.64 -10.00
N VAL A 184 19.83 38.49 -10.55
CA VAL A 184 20.32 38.34 -11.92
C VAL A 184 21.06 37.02 -12.11
N PHE A 185 22.01 36.69 -11.21
CA PHE A 185 22.95 35.61 -11.44
C PHE A 185 22.59 34.39 -10.60
N ALA A 186 22.30 33.28 -11.28
CA ALA A 186 22.01 32.00 -10.64
C ALA A 186 22.82 30.89 -11.29
N LEU A 187 23.36 29.99 -10.46
CA LEU A 187 24.10 28.83 -10.90
C LEU A 187 23.43 27.58 -10.36
N VAL A 188 23.10 26.64 -11.24
CA VAL A 188 22.37 25.42 -10.89
C VAL A 188 23.13 24.22 -11.44
N ASN A 189 23.12 23.12 -10.68
CA ASN A 189 23.71 21.87 -11.12
C ASN A 189 22.83 20.71 -10.66
N TYR A 190 22.85 19.61 -11.41
CA TYR A 190 22.03 18.46 -11.08
C TYR A 190 22.78 17.18 -11.44
N ILE A 191 22.42 16.11 -10.72
CA ILE A 191 23.00 14.78 -10.96
C ILE A 191 21.87 13.76 -10.92
N PHE A 192 21.95 12.75 -11.78
CA PHE A 192 20.97 11.68 -11.83
C PHE A 192 21.68 10.34 -11.76
N PHE A 193 21.18 9.45 -10.92
CA PHE A 193 21.75 8.12 -10.72
C PHE A 193 20.64 7.08 -10.78
N LYS A 194 20.91 5.99 -11.52
CA LYS A 194 19.96 4.88 -11.61
C LYS A 194 20.75 3.62 -11.94
N GLY A 195 20.96 2.77 -10.94
CA GLY A 195 21.70 1.55 -11.14
C GLY A 195 20.92 0.35 -10.64
N LYS A 196 21.36 -0.83 -11.09
CA LYS A 196 20.76 -2.09 -10.70
C LYS A 196 21.76 -2.92 -9.92
N TRP A 197 21.27 -3.70 -8.96
CA TRP A 197 22.16 -4.52 -8.15
C TRP A 197 22.75 -5.65 -8.99
N GLU A 198 24.01 -6.00 -8.68
CA GLU A 198 24.65 -7.12 -9.38
C GLU A 198 23.97 -8.44 -9.04
N ARG A 199 23.46 -8.57 -7.82
CA ARG A 199 22.70 -9.75 -7.40
C ARG A 199 21.39 -9.24 -6.81
N PRO A 200 20.37 -9.06 -7.66
CA PRO A 200 19.12 -8.44 -7.19
C PRO A 200 18.41 -9.31 -6.17
N PHE A 201 17.66 -8.66 -5.30
CA PHE A 201 16.79 -9.33 -4.36
C PHE A 201 15.56 -9.87 -5.09
N GLU A 202 14.89 -10.83 -4.46
CA GLU A 202 13.66 -11.40 -4.99
C GLU A 202 12.48 -10.78 -4.26
N VAL A 203 11.46 -10.33 -4.99
CA VAL A 203 10.35 -9.70 -4.31
C VAL A 203 9.35 -10.79 -3.95
N LYS A 204 9.74 -11.66 -3.02
CA LYS A 204 8.87 -12.46 -2.17
C LYS A 204 9.41 -12.62 -0.75
N ASP A 205 10.72 -12.52 -0.56
CA ASP A 205 11.37 -12.69 0.74
C ASP A 205 11.43 -11.38 1.51
N THR A 206 11.04 -10.27 0.90
CA THR A 206 10.97 -8.98 1.58
C THR A 206 9.86 -9.05 2.62
N GLU A 207 10.23 -9.26 3.86
CA GLU A 207 9.30 -9.31 4.97
C GLU A 207 9.42 -8.05 5.81
N GLU A 208 8.31 -7.67 6.45
CA GLU A 208 8.29 -6.47 7.28
C GLU A 208 8.85 -6.80 8.66
N GLU A 209 9.94 -6.15 9.02
CA GLU A 209 10.61 -6.39 10.28
C GLU A 209 10.73 -5.09 11.06
N ASP A 210 11.11 -5.22 12.33
CA ASP A 210 11.23 -4.06 13.22
C ASP A 210 12.49 -3.26 12.89
N PHE A 211 12.43 -1.96 13.17
CA PHE A 211 13.55 -1.05 12.95
C PHE A 211 13.72 -0.20 14.20
N HIS A 212 14.88 -0.30 14.84
CA HIS A 212 15.13 0.34 16.12
C HIS A 212 15.58 1.77 15.87
N VAL A 213 14.74 2.73 16.26
CA VAL A 213 15.03 4.14 15.99
C VAL A 213 15.87 4.74 17.12
N ASP A 214 15.33 4.76 18.34
CA ASP A 214 15.99 5.42 19.45
C ASP A 214 15.89 4.62 20.75
N GLN A 215 15.94 3.29 20.66
CA GLN A 215 15.99 2.41 21.82
C GLN A 215 14.68 2.44 22.62
N VAL A 216 13.76 3.34 22.22
CA VAL A 216 12.40 3.35 22.74
C VAL A 216 11.38 3.22 21.61
N THR A 217 11.60 3.93 20.51
CA THR A 217 10.75 3.82 19.33
C THR A 217 11.16 2.62 18.49
N THR A 218 10.17 1.94 17.94
CA THR A 218 10.42 0.79 17.06
C THR A 218 9.37 0.81 15.96
N VAL A 219 9.81 1.03 14.71
CA VAL A 219 8.90 1.08 13.57
C VAL A 219 9.11 -0.16 12.72
N LYS A 220 8.09 -0.50 11.95
CA LYS A 220 8.11 -1.64 11.06
C LYS A 220 8.31 -1.16 9.62
N VAL A 221 9.36 -1.64 8.98
CA VAL A 221 9.69 -1.24 7.60
C VAL A 221 9.88 -2.50 6.76
N PRO A 222 9.60 -2.44 5.45
CA PRO A 222 9.85 -3.62 4.60
C PRO A 222 11.33 -3.86 4.37
N MET A 223 11.86 -4.95 4.92
CA MET A 223 13.27 -5.28 4.78
C MET A 223 13.45 -6.37 3.73
N MET A 224 14.40 -6.16 2.83
CA MET A 224 14.76 -7.15 1.84
C MET A 224 15.63 -8.23 2.46
N LYS A 225 15.46 -9.46 2.01
CA LYS A 225 16.15 -10.61 2.57
C LYS A 225 16.84 -11.39 1.46
N ARG A 226 18.10 -11.74 1.69
CA ARG A 226 18.86 -12.53 0.73
C ARG A 226 20.05 -13.18 1.43
N LEU A 227 20.27 -14.45 1.13
CA LEU A 227 21.43 -15.19 1.62
C LEU A 227 22.45 -15.34 0.48
N GLY A 228 23.65 -15.80 0.86
CA GLY A 228 24.69 -16.05 -0.10
C GLY A 228 25.98 -15.41 0.33
N MET A 229 26.86 -15.18 -0.65
CA MET A 229 28.17 -14.60 -0.40
C MET A 229 28.10 -13.09 -0.56
N PHE A 230 28.64 -12.38 0.43
CA PHE A 230 28.63 -10.92 0.44
C PHE A 230 30.05 -10.42 0.73
N ASN A 231 30.30 -9.17 0.31
CA ASN A 231 31.59 -8.52 0.54
C ASN A 231 31.54 -7.80 1.89
N ILE A 232 31.45 -8.59 2.95
CA ILE A 232 31.27 -8.08 4.30
C ILE A 232 32.51 -8.40 5.12
N GLN A 233 32.74 -7.59 6.15
CA GLN A 233 33.95 -7.63 6.97
C GLN A 233 33.69 -6.80 8.23
N HIS A 234 34.68 -6.79 9.11
CA HIS A 234 34.62 -5.99 10.34
C HIS A 234 35.84 -5.09 10.38
N CYS A 235 35.64 -3.84 10.80
CA CYS A 235 36.70 -2.84 10.70
C CYS A 235 37.78 -3.03 11.76
N LYS A 236 37.37 -3.18 13.03
CA LYS A 236 38.23 -3.19 14.21
C LYS A 236 38.85 -1.82 14.48
N LYS A 237 38.61 -0.83 13.61
CA LYS A 237 38.94 0.56 13.88
C LYS A 237 37.71 1.43 14.03
N LEU A 238 36.58 1.00 13.46
CA LEU A 238 35.32 1.73 13.49
C LEU A 238 34.27 1.07 14.37
N SER A 239 34.49 -0.17 14.79
CA SER A 239 33.51 -0.96 15.53
C SER A 239 32.19 -1.03 14.77
N SER A 240 32.27 -1.55 13.54
CA SER A 240 31.11 -1.54 12.67
C SER A 240 31.30 -2.55 11.55
N TRP A 241 30.19 -3.11 11.08
CA TRP A 241 30.19 -3.96 9.90
C TRP A 241 30.23 -3.10 8.64
N VAL A 242 31.02 -3.55 7.67
CA VAL A 242 31.18 -2.84 6.39
C VAL A 242 30.77 -3.79 5.29
N LEU A 243 29.71 -3.46 4.57
CA LEU A 243 29.15 -4.29 3.52
C LEU A 243 29.16 -3.53 2.20
N LEU A 244 29.66 -4.18 1.15
CA LEU A 244 29.77 -3.59 -0.17
C LEU A 244 28.93 -4.40 -1.15
N MET A 245 27.96 -3.74 -1.79
CA MET A 245 27.17 -4.33 -2.85
C MET A 245 27.41 -3.53 -4.12
N LYS A 246 28.02 -4.17 -5.11
CA LYS A 246 28.34 -3.49 -6.36
C LYS A 246 27.12 -3.43 -7.26
N TYR A 247 26.92 -2.29 -7.91
CA TYR A 247 25.87 -2.14 -8.90
C TYR A 247 26.34 -2.65 -10.25
N LEU A 248 25.37 -2.97 -11.12
CA LEU A 248 25.69 -3.39 -12.47
C LEU A 248 26.31 -2.22 -13.24
N GLY A 249 27.62 -2.30 -13.46
CA GLY A 249 28.36 -1.23 -14.11
C GLY A 249 29.46 -0.69 -13.19
N ASN A 250 29.78 0.59 -13.39
CA ASN A 250 30.85 1.25 -12.65
C ASN A 250 30.26 2.07 -11.50
N ALA A 251 29.83 1.35 -10.46
CA ALA A 251 29.30 1.97 -9.25
C ALA A 251 29.23 0.91 -8.16
N THR A 252 29.39 1.35 -6.91
CA THR A 252 29.37 0.43 -5.77
C THR A 252 28.86 1.18 -4.54
N ALA A 253 27.95 0.55 -3.81
CA ALA A 253 27.42 1.11 -2.57
C ALA A 253 28.06 0.43 -1.38
N ILE A 254 28.41 1.22 -0.37
CA ILE A 254 29.00 0.73 0.87
C ILE A 254 28.00 1.01 2.00
N PHE A 255 27.85 0.04 2.89
CA PHE A 255 26.93 0.15 4.02
C PHE A 255 27.70 -0.08 5.32
N PHE A 256 27.55 0.85 6.26
CA PHE A 256 28.24 0.80 7.54
C PHE A 256 27.21 0.56 8.63
N LEU A 257 27.31 -0.60 9.30
CA LEU A 257 26.42 -0.92 10.41
C LEU A 257 27.17 -0.72 11.72
N PRO A 258 27.00 0.39 12.42
CA PRO A 258 27.76 0.62 13.65
C PRO A 258 27.27 -0.25 14.79
N ASP A 259 28.18 -0.55 15.72
CA ASP A 259 27.82 -1.29 16.91
C ASP A 259 26.97 -0.41 17.83
N GLU A 260 26.44 -1.03 18.89
CA GLU A 260 25.57 -0.33 19.82
C GLU A 260 26.31 0.81 20.52
N GLY A 261 25.90 2.04 20.23
CA GLY A 261 26.52 3.21 20.80
C GLY A 261 27.69 3.77 20.01
N LYS A 262 28.22 3.01 19.04
CA LYS A 262 29.36 3.43 18.25
C LYS A 262 28.97 4.15 16.96
N LEU A 263 27.76 4.70 16.90
CA LEU A 263 27.36 5.46 15.73
C LEU A 263 28.20 6.73 15.59
N GLN A 264 28.42 7.43 16.70
CA GLN A 264 29.25 8.64 16.65
C GLN A 264 30.72 8.30 16.44
N HIS A 265 31.18 7.15 16.96
CA HIS A 265 32.54 6.72 16.70
C HIS A 265 32.77 6.43 15.24
N LEU A 266 31.74 5.94 14.54
CA LEU A 266 31.85 5.69 13.11
C LEU A 266 31.94 7.00 12.32
N GLU A 267 31.14 7.99 12.69
CA GLU A 267 31.07 9.24 11.94
C GLU A 267 32.35 10.06 12.07
N ASN A 268 33.15 9.84 13.10
CA ASN A 268 34.34 10.64 13.35
C ASN A 268 35.61 10.05 12.78
N GLU A 269 35.74 8.72 12.76
CA GLU A 269 36.96 8.06 12.32
C GLU A 269 36.85 7.47 10.91
N LEU A 270 35.91 7.97 10.11
CA LEU A 270 35.67 7.45 8.76
C LEU A 270 36.38 8.38 7.78
N THR A 271 37.47 7.90 7.16
CA THR A 271 38.33 8.71 6.33
C THR A 271 38.48 8.10 4.93
N HIS A 272 39.22 8.80 4.07
CA HIS A 272 39.47 8.31 2.71
C HIS A 272 40.36 7.08 2.72
N ASP A 273 41.40 7.08 3.56
CA ASP A 273 42.37 6.00 3.53
C ASP A 273 41.73 4.66 3.85
N ILE A 274 40.67 4.66 4.68
CA ILE A 274 40.08 3.40 5.10
C ILE A 274 39.16 2.84 4.03
N ILE A 275 38.43 3.70 3.32
CA ILE A 275 37.48 3.22 2.32
C ILE A 275 38.21 2.61 1.13
N THR A 276 39.33 3.22 0.70
CA THR A 276 40.14 2.63 -0.36
C THR A 276 40.66 1.26 0.06
N LYS A 277 41.06 1.12 1.33
CA LYS A 277 41.45 -0.20 1.83
C LYS A 277 40.29 -1.19 1.76
N PHE A 278 39.08 -0.72 2.08
CA PHE A 278 37.90 -1.57 1.98
C PHE A 278 37.57 -1.92 0.53
N LEU A 279 37.81 -0.99 -0.39
CA LEU A 279 37.53 -1.24 -1.80
C LEU A 279 38.55 -2.16 -2.45
N GLU A 280 39.64 -2.49 -1.77
CA GLU A 280 40.53 -3.57 -2.17
C GLU A 280 40.07 -4.81 -1.41
N ASN A 281 39.56 -5.80 -2.14
CA ASN A 281 38.60 -6.76 -1.62
C ASN A 281 38.71 -8.12 -2.29
N GLU A 282 37.58 -8.85 -2.32
CA GLU A 282 37.39 -10.23 -2.78
C GLU A 282 37.66 -11.23 -1.66
N ASP A 283 37.79 -10.75 -0.42
CA ASP A 283 37.64 -11.59 0.75
C ASP A 283 36.16 -11.59 1.11
N ARG A 284 35.44 -12.63 0.70
CA ARG A 284 33.97 -12.68 0.81
C ARG A 284 33.57 -13.84 1.70
N ARG A 285 32.84 -13.55 2.76
CA ARG A 285 32.23 -14.57 3.60
C ARG A 285 30.79 -14.78 3.15
N SER A 286 30.02 -15.56 3.92
CA SER A 286 28.63 -15.81 3.63
C SER A 286 27.78 -15.47 4.85
N ALA A 287 26.64 -14.83 4.61
CA ALA A 287 25.74 -14.43 5.68
C ALA A 287 24.38 -14.12 5.09
N SER A 288 23.40 -13.93 5.98
CA SER A 288 22.05 -13.55 5.60
C SER A 288 21.91 -12.05 5.75
N LEU A 289 21.50 -11.38 4.68
CA LEU A 289 21.40 -9.93 4.64
C LEU A 289 19.97 -9.47 4.84
N HIS A 290 19.77 -8.52 5.76
CA HIS A 290 18.48 -7.87 5.98
C HIS A 290 18.68 -6.39 5.68
N LEU A 291 18.30 -5.98 4.46
CA LEU A 291 18.46 -4.61 4.02
C LEU A 291 17.11 -3.94 3.87
N PRO A 292 16.83 -2.86 4.59
CA PRO A 292 15.53 -2.20 4.46
C PRO A 292 15.46 -1.31 3.22
N LYS A 293 14.29 -1.33 2.58
CA LYS A 293 14.04 -0.42 1.48
C LYS A 293 14.01 1.01 1.99
N LEU A 294 14.24 1.97 1.08
CA LEU A 294 14.43 3.35 1.50
C LEU A 294 13.87 4.31 0.46
N SER A 295 13.37 5.45 0.95
CA SER A 295 12.95 6.56 0.09
C SER A 295 12.97 7.82 0.95
N ILE A 296 14.03 8.65 0.79
CA ILE A 296 14.26 9.81 1.63
C ILE A 296 14.75 10.98 0.78
N THR A 297 14.65 12.18 1.36
CA THR A 297 14.99 13.43 0.68
C THR A 297 15.79 14.32 1.63
N GLY A 298 16.77 15.05 1.08
CA GLY A 298 17.62 15.90 1.89
C GLY A 298 17.17 17.33 2.15
N THR A 299 17.04 18.13 1.10
CA THR A 299 16.49 19.49 1.16
C THR A 299 17.22 20.36 2.20
N TYR A 300 18.47 20.68 1.90
CA TYR A 300 19.30 21.50 2.79
C TYR A 300 19.62 22.83 2.12
N ASP A 301 19.33 23.93 2.81
CA ASP A 301 19.96 25.21 2.51
C ASP A 301 21.12 25.41 3.48
N LEU A 302 22.32 25.61 2.93
CA LEU A 302 23.59 25.42 3.65
C LEU A 302 24.51 26.63 3.52
N LYS A 303 23.97 27.84 3.59
CA LYS A 303 24.84 29.00 3.72
C LYS A 303 25.54 29.02 5.08
N SER A 304 24.90 28.46 6.09
CA SER A 304 25.45 28.50 7.45
C SER A 304 26.51 27.44 7.68
N VAL A 305 26.32 26.24 7.11
CA VAL A 305 27.23 25.12 7.35
C VAL A 305 28.60 25.42 6.74
N LEU A 306 28.62 25.99 5.54
CA LEU A 306 29.89 26.24 4.85
C LEU A 306 30.78 27.21 5.62
N GLY A 307 30.18 28.18 6.30
CA GLY A 307 30.95 29.06 7.15
C GLY A 307 31.75 28.30 8.19
N GLN A 308 31.16 27.22 8.73
CA GLN A 308 31.87 26.35 9.65
C GLN A 308 32.96 25.54 8.95
N LEU A 309 32.98 25.51 7.62
CA LEU A 309 34.00 24.80 6.86
C LEU A 309 35.06 25.73 6.27
N GLY A 310 34.96 27.03 6.52
CA GLY A 310 35.93 28.00 6.04
C GLY A 310 35.42 28.96 5.00
N ILE A 311 34.27 28.67 4.38
CA ILE A 311 33.68 29.56 3.37
C ILE A 311 32.76 30.53 4.09
N THR A 312 33.35 31.58 4.66
CA THR A 312 32.63 32.68 5.31
C THR A 312 32.34 33.81 4.33
N LYS A 313 33.23 34.05 3.37
CA LYS A 313 33.09 35.09 2.35
C LYS A 313 32.20 34.58 1.21
N VAL A 314 30.98 34.16 1.56
CA VAL A 314 30.04 33.64 0.60
C VAL A 314 28.91 34.64 0.36
N PHE A 315 28.23 35.06 1.42
CA PHE A 315 27.15 36.04 1.35
C PHE A 315 27.53 37.35 2.02
N SER A 316 28.82 37.54 2.30
CA SER A 316 29.29 38.77 2.91
C SER A 316 29.14 39.93 1.94
N ASN A 317 28.85 41.12 2.48
CA ASN A 317 28.91 42.34 1.68
C ASN A 317 30.29 42.50 1.06
N GLY A 318 31.33 42.32 1.88
CA GLY A 318 32.69 42.47 1.41
C GLY A 318 33.14 41.42 0.41
N ALA A 319 32.41 40.31 0.30
CA ALA A 319 32.79 39.23 -0.59
C ALA A 319 32.95 39.73 -2.03
N ASP A 320 34.00 39.27 -2.69
CA ASP A 320 34.40 39.79 -3.99
C ASP A 320 34.03 38.79 -5.07
N LEU A 321 33.17 39.22 -6.01
CA LEU A 321 32.86 38.47 -7.22
C LEU A 321 33.14 39.43 -8.39
N SER A 322 34.38 39.44 -8.85
CA SER A 322 34.79 40.36 -9.92
C SER A 322 35.00 39.67 -11.26
N GLY A 323 35.47 38.43 -11.27
CA GLY A 323 35.63 37.68 -12.50
C GLY A 323 34.32 37.35 -13.19
N VAL A 324 33.18 37.54 -12.51
CA VAL A 324 31.88 37.19 -13.05
C VAL A 324 31.33 38.33 -13.92
N THR A 325 31.22 39.52 -13.33
CA THR A 325 30.49 40.62 -13.94
C THR A 325 31.37 41.84 -14.09
N GLU A 326 30.89 42.78 -14.91
CA GLU A 326 31.53 44.08 -15.10
C GLU A 326 30.68 45.24 -14.63
N GLU A 327 29.49 44.96 -14.08
CA GLU A 327 28.60 45.99 -13.56
C GLU A 327 28.37 45.90 -12.06
N ALA A 328 28.34 44.68 -11.51
CA ALA A 328 28.15 44.46 -10.08
C ALA A 328 26.89 45.12 -9.55
N LEU A 330 27.31 42.17 -6.89
CA LEU A 330 27.00 40.75 -6.93
C LEU A 330 27.40 40.02 -5.64
N LYS A 331 26.52 39.13 -5.20
CA LYS A 331 26.75 38.29 -4.04
C LYS A 331 25.68 37.20 -4.05
N LEU A 332 25.91 36.18 -3.23
CA LEU A 332 24.95 35.09 -3.11
C LEU A 332 23.95 35.40 -2.00
N SER A 333 22.74 34.89 -2.15
CA SER A 333 21.69 35.03 -1.15
C SER A 333 21.37 33.72 -0.44
N LYS A 334 21.33 32.61 -1.17
CA LYS A 334 21.05 31.31 -0.57
C LYS A 334 21.80 30.24 -1.34
N ALA A 335 21.92 29.07 -0.72
CA ALA A 335 22.56 27.91 -1.33
C ALA A 335 21.75 26.67 -0.91
N VAL A 336 20.81 26.28 -1.76
CA VAL A 336 19.86 25.21 -1.46
C VAL A 336 20.31 23.95 -2.18
N HIS A 337 20.34 22.83 -1.45
CA HIS A 337 20.67 21.53 -2.00
C HIS A 337 19.52 20.57 -1.74
N LYS A 338 19.15 19.80 -2.77
CA LYS A 338 18.09 18.82 -2.65
C LYS A 338 18.54 17.52 -3.31
N ALA A 339 18.18 16.40 -2.69
CA ALA A 339 18.56 15.09 -3.22
C ALA A 339 17.56 14.05 -2.74
N VAL A 340 17.22 13.11 -3.62
CA VAL A 340 16.27 12.05 -3.31
C VAL A 340 16.97 10.71 -3.48
N LEU A 341 16.48 9.71 -2.73
CA LEU A 341 17.03 8.37 -2.77
C LEU A 341 15.89 7.36 -2.85
N THR A 342 16.16 6.26 -3.55
CA THR A 342 15.20 5.15 -3.65
C THR A 342 16.00 3.86 -3.72
N ILE A 343 15.77 2.96 -2.77
CA ILE A 343 16.36 1.63 -2.76
C ILE A 343 15.24 0.61 -2.83
N ASP A 344 15.37 -0.34 -3.76
CA ASP A 344 14.41 -1.42 -3.92
C ASP A 344 15.18 -2.71 -4.18
N GLU A 345 14.43 -3.76 -4.50
CA GLU A 345 15.06 -5.03 -4.85
C GLU A 345 15.84 -4.91 -6.16
N LYS A 346 15.31 -4.16 -7.13
CA LYS A 346 15.92 -4.12 -8.45
C LYS A 346 17.19 -3.29 -8.47
N GLY A 347 17.19 -2.14 -7.80
CA GLY A 347 18.39 -1.30 -7.81
C GLY A 347 18.33 -0.09 -6.90
N THR A 348 18.92 1.02 -7.34
CA THR A 348 18.90 2.27 -6.60
C THR A 348 18.71 3.42 -7.60
N GLU A 349 17.90 4.40 -7.19
CA GLU A 349 17.55 5.53 -8.06
C GLU A 349 17.68 6.80 -7.22
N ALA A 350 18.76 7.54 -7.43
CA ALA A 350 19.03 8.75 -6.67
C ALA A 350 19.28 9.92 -7.62
N ALA A 351 18.94 11.12 -7.16
CA ALA A 351 19.14 12.33 -7.94
C ALA A 351 19.32 13.52 -7.00
N GLY A 352 20.32 14.33 -7.28
CA GLY A 352 20.60 15.50 -6.45
C GLY A 352 20.70 16.76 -7.29
N ALA A 353 20.41 17.89 -6.65
CA ALA A 353 20.43 19.18 -7.32
C ALA A 353 20.98 20.24 -6.37
N MET A 354 21.53 21.31 -6.95
CA MET A 354 22.11 22.40 -6.19
C MET A 354 21.66 23.72 -6.81
N PHE A 355 21.28 24.67 -5.96
CA PHE A 355 20.85 25.99 -6.38
C PHE A 355 21.55 27.05 -5.54
N LEU A 356 22.35 27.88 -6.19
CA LEU A 356 23.08 28.94 -5.51
C LEU A 356 22.46 30.30 -5.82
N PRO B 8 29.34 -14.63 12.24
CA PRO B 8 28.01 -14.16 12.66
C PRO B 8 27.11 -13.79 11.48
N PRO B 9 26.55 -14.81 10.79
CA PRO B 9 25.74 -14.62 9.60
C PRO B 9 24.29 -14.19 9.87
N GLU B 10 24.13 -13.15 10.68
CA GLU B 10 22.81 -12.64 11.05
C GLU B 10 22.80 -11.11 10.96
N VAL B 11 23.30 -10.58 9.85
CA VAL B 11 23.51 -9.14 9.70
C VAL B 11 22.16 -8.49 9.41
N LYS B 12 21.58 -7.84 10.43
CA LYS B 12 20.33 -7.10 10.30
C LYS B 12 20.62 -5.61 10.33
N PHE B 13 20.05 -4.88 9.36
CA PHE B 13 20.13 -3.41 9.38
C PHE B 13 18.85 -2.83 9.97
N ASN B 14 18.62 -3.16 11.25
CA ASN B 14 17.49 -2.63 12.00
C ASN B 14 17.88 -1.48 12.92
N LYS B 15 19.12 -1.00 12.83
CA LYS B 15 19.62 0.13 13.59
C LYS B 15 20.03 1.24 12.63
N PRO B 16 20.07 2.49 13.10
CA PRO B 16 20.52 3.58 12.23
C PRO B 16 21.93 3.34 11.72
N PHE B 17 22.13 3.59 10.42
CA PHE B 17 23.38 3.25 9.76
C PHE B 17 23.76 4.36 8.77
N VAL B 18 24.99 4.27 8.28
CA VAL B 18 25.55 5.22 7.33
C VAL B 18 25.94 4.44 6.07
N PHE B 19 25.70 5.05 4.91
CA PHE B 19 26.03 4.40 3.64
C PHE B 19 26.78 5.36 2.74
N LEU B 20 27.66 4.81 1.92
CA LEU B 20 28.38 5.55 0.88
C LEU B 20 28.02 4.99 -0.48
N MET B 21 28.06 5.85 -1.50
CA MET B 21 27.75 5.49 -2.87
C MET B 21 28.84 6.09 -3.76
N ILE B 22 29.84 5.28 -4.08
CA ILE B 22 31.07 5.74 -4.70
C ILE B 22 31.17 5.18 -6.11
N GLU B 23 31.69 5.97 -7.04
CA GLU B 23 31.92 5.51 -8.39
C GLU B 23 33.08 4.52 -8.43
N GLN B 24 33.03 3.61 -9.40
CA GLN B 24 34.08 2.61 -9.54
C GLN B 24 35.35 3.21 -10.14
N ASN B 25 35.25 3.78 -11.34
CA ASN B 25 36.44 4.21 -12.06
C ASN B 25 37.04 5.47 -11.45
N THR B 26 36.21 6.37 -10.94
CA THR B 26 36.70 7.65 -10.45
C THR B 26 37.09 7.59 -8.97
N LYS B 27 36.49 6.69 -8.20
CA LYS B 27 36.73 6.48 -6.78
C LYS B 27 36.23 7.63 -5.92
N SER B 28 35.41 8.51 -6.47
CA SER B 28 34.85 9.64 -5.73
C SER B 28 33.46 9.32 -5.22
N PRO B 29 33.12 9.74 -4.00
CA PRO B 29 31.78 9.48 -3.46
C PRO B 29 30.75 10.39 -4.09
N LEU B 30 29.77 9.78 -4.77
CA LEU B 30 28.68 10.53 -5.38
C LEU B 30 27.54 10.82 -4.41
N PHE B 31 27.30 9.93 -3.45
CA PHE B 31 26.24 10.12 -2.48
C PHE B 31 26.67 9.58 -1.13
N MET B 32 26.31 10.30 -0.07
CA MET B 32 26.56 9.88 1.29
C MET B 32 25.36 10.24 2.15
N GLY B 33 24.98 9.34 3.05
CA GLY B 33 23.80 9.59 3.85
C GLY B 33 23.81 8.81 5.14
N LYS B 34 22.79 9.10 5.96
CA LYS B 34 22.59 8.43 7.24
C LYS B 34 21.11 8.18 7.42
N VAL B 35 20.74 6.92 7.60
CA VAL B 35 19.34 6.52 7.73
C VAL B 35 19.03 6.32 9.20
N VAL B 36 18.08 7.11 9.72
CA VAL B 36 17.63 6.96 11.08
C VAL B 36 16.19 6.45 11.16
N ASN B 37 15.35 6.78 10.19
CA ASN B 37 13.98 6.30 10.14
C ASN B 37 13.51 6.28 8.69
N PRO B 38 13.30 5.09 8.10
CA PRO B 38 12.86 5.03 6.70
C PRO B 38 11.51 5.66 6.46
N THR B 39 10.64 5.74 7.47
CA THR B 39 9.31 6.31 7.28
C THR B 39 9.34 7.81 7.08
N GLN B 40 10.42 8.47 7.49
CA GLN B 40 10.54 9.92 7.32
C GLN B 40 10.88 10.22 5.87
N LYS B 41 9.84 10.36 5.05
CA LYS B 41 10.01 10.63 3.62
C LYS B 41 9.47 12.02 3.28
N LEU C 4 -5.07 3.45 4.84
CA LEU C 4 -5.45 3.49 3.43
C LEU C 4 -6.95 3.24 3.26
N GLU C 5 -7.63 4.17 2.58
CA GLU C 5 -9.06 4.08 2.32
C GLU C 5 -9.30 4.29 0.83
N GLU C 6 -9.93 3.30 0.20
CA GLU C 6 -10.19 3.33 -1.23
C GLU C 6 -11.65 3.70 -1.50
N SER C 7 -11.88 4.29 -2.67
CA SER C 7 -13.21 4.74 -3.06
C SER C 7 -13.26 4.80 -4.59
N GLY C 8 -14.44 5.14 -5.10
CA GLY C 8 -14.64 5.29 -6.54
C GLY C 8 -15.53 4.24 -7.18
N GLY C 9 -15.99 3.25 -6.41
CA GLY C 9 -16.82 2.21 -6.98
C GLY C 9 -18.22 2.69 -7.30
N GLY C 10 -18.96 1.81 -7.96
CA GLY C 10 -20.33 2.12 -8.33
C GLY C 10 -20.81 1.19 -9.43
N LEU C 11 -21.95 1.56 -10.01
CA LEU C 11 -22.57 0.78 -11.08
C LEU C 11 -22.03 1.25 -12.42
N VAL C 12 -21.69 0.28 -13.27
CA VAL C 12 -21.15 0.55 -14.60
C VAL C 12 -21.90 -0.31 -15.60
N LYS C 13 -22.33 0.29 -16.71
CA LYS C 13 -22.98 -0.45 -17.77
C LYS C 13 -21.99 -1.39 -18.45
N PRO C 14 -22.48 -2.47 -19.07
CA PRO C 14 -21.58 -3.39 -19.76
C PRO C 14 -20.82 -2.70 -20.88
N GLY C 15 -19.51 -2.98 -20.94
CA GLY C 15 -18.63 -2.36 -21.91
C GLY C 15 -18.08 -1.00 -21.51
N GLY C 16 -18.51 -0.46 -20.36
CA GLY C 16 -18.06 0.84 -19.92
C GLY C 16 -16.66 0.81 -19.33
N SER C 17 -16.32 1.87 -18.59
CA SER C 17 -15.01 1.97 -17.96
C SER C 17 -15.15 2.69 -16.64
N LEU C 18 -14.19 2.44 -15.74
CA LEU C 18 -14.18 3.06 -14.43
C LEU C 18 -12.76 3.03 -13.88
N LYS C 19 -12.43 4.03 -13.06
CA LYS C 19 -11.11 4.16 -12.46
C LYS C 19 -11.26 4.26 -10.96
N LEU C 20 -10.68 3.32 -10.23
CA LEU C 20 -10.72 3.30 -8.78
C LEU C 20 -9.50 4.01 -8.20
N SER C 21 -9.64 4.46 -6.94
CA SER C 21 -8.57 5.15 -6.25
C SER C 21 -8.46 4.62 -4.83
N CYS C 22 -7.22 4.56 -4.34
CA CYS C 22 -6.91 4.11 -2.97
C CYS C 22 -5.95 5.11 -2.35
N ALA C 23 -6.49 6.14 -1.70
CA ALA C 23 -5.67 7.08 -0.96
C ALA C 23 -5.21 6.48 0.35
N ALA C 24 -3.98 6.83 0.75
CA ALA C 24 -3.36 6.19 1.91
C ALA C 24 -2.64 7.22 2.75
N SER C 25 -2.75 7.06 4.08
CA SER C 25 -1.98 7.82 5.03
C SER C 25 -1.70 6.95 6.25
N GLY C 26 -0.69 7.33 7.02
CA GLY C 26 -0.26 6.56 8.16
C GLY C 26 1.00 5.74 7.92
N PHE C 27 1.36 5.52 6.66
CA PHE C 27 2.60 4.84 6.30
C PHE C 27 3.18 5.51 5.06
N ALA C 28 4.34 5.02 4.63
CA ALA C 28 5.08 5.72 3.58
C ALA C 28 4.37 5.64 2.23
N PHE C 29 3.99 4.41 1.83
CA PHE C 29 3.28 4.14 0.58
C PHE C 29 4.19 4.29 -0.63
N SER C 30 5.39 4.82 -0.42
CA SER C 30 6.41 4.88 -1.46
C SER C 30 7.48 3.83 -1.27
N ILE C 31 7.26 2.88 -0.35
CA ILE C 31 8.27 1.91 0.04
C ILE C 31 7.64 0.52 0.02
N TYR C 32 6.31 0.47 -0.08
CA TYR C 32 5.56 -0.77 -0.10
C TYR C 32 5.08 -1.10 -1.51
N ASP C 33 4.91 -2.39 -1.78
CA ASP C 33 4.29 -2.83 -3.01
C ASP C 33 2.78 -2.80 -2.86
N MET C 34 2.09 -2.38 -3.92
CA MET C 34 0.64 -2.26 -3.90
C MET C 34 0.01 -3.26 -4.86
N SER C 35 -1.25 -3.57 -4.63
CA SER C 35 -1.97 -4.55 -5.43
C SER C 35 -3.47 -4.37 -5.25
N TRP C 36 -4.21 -4.82 -6.24
CA TRP C 36 -5.68 -4.88 -6.18
C TRP C 36 -6.13 -6.33 -6.12
N VAL C 37 -7.09 -6.61 -5.25
CA VAL C 37 -7.64 -7.94 -5.07
C VAL C 37 -9.16 -7.82 -4.98
N ARG C 38 -9.89 -8.68 -5.68
CA ARG C 38 -11.35 -8.60 -5.74
C ARG C 38 -11.98 -9.82 -5.07
N GLN C 39 -13.24 -9.69 -4.67
CA GLN C 39 -13.97 -10.77 -4.01
C GLN C 39 -15.31 -10.97 -4.73
N THR C 40 -15.38 -12.02 -5.56
CA THR C 40 -16.59 -12.26 -6.35
C THR C 40 -17.80 -12.48 -5.45
N PRO C 41 -19.00 -12.28 -5.98
CA PRO C 41 -20.21 -12.59 -5.20
C PRO C 41 -20.25 -14.02 -4.70
N GLU C 42 -19.56 -14.94 -5.37
CA GLU C 42 -19.44 -16.32 -4.90
C GLU C 42 -18.40 -16.49 -3.80
N LYS C 43 -17.95 -15.38 -3.20
CA LYS C 43 -17.01 -15.37 -2.09
C LYS C 43 -15.65 -15.96 -2.47
N ARG C 44 -15.30 -15.94 -3.75
CA ARG C 44 -13.99 -16.39 -4.20
C ARG C 44 -13.10 -15.18 -4.43
N LEU C 45 -12.00 -15.12 -3.68
CA LEU C 45 -10.99 -14.10 -3.84
C LEU C 45 -10.01 -14.49 -4.95
N GLU C 46 -9.59 -13.50 -5.73
CA GLU C 46 -8.66 -13.74 -6.82
C GLU C 46 -7.86 -12.47 -7.07
N TRP C 47 -6.60 -12.65 -7.45
CA TRP C 47 -5.68 -11.53 -7.59
C TRP C 47 -5.98 -10.76 -8.86
N VAL C 48 -5.95 -9.43 -8.77
CA VAL C 48 -6.35 -8.56 -9.86
C VAL C 48 -5.15 -7.84 -10.48
N ALA C 49 -4.34 -7.20 -9.65
CA ALA C 49 -3.23 -6.41 -10.15
C ALA C 49 -2.10 -6.46 -9.14
N TYR C 50 -0.90 -6.12 -9.61
CA TYR C 50 0.28 -6.04 -8.78
C TYR C 50 1.22 -5.04 -9.41
N ILE C 51 1.35 -3.86 -8.80
CA ILE C 51 2.37 -2.90 -9.19
C ILE C 51 3.48 -2.94 -8.14
N SER C 52 4.72 -3.04 -8.59
CA SER C 52 5.84 -2.94 -7.67
C SER C 52 6.00 -1.50 -7.22
N SER C 53 7.03 -1.23 -6.43
CA SER C 53 7.13 0.02 -5.80
C SER C 53 7.88 0.96 -6.66
N GLY C 54 7.20 2.03 -7.05
CA GLY C 54 7.79 3.02 -7.93
C GLY C 54 7.08 3.05 -9.27
N GLY C 55 6.68 1.87 -9.74
CA GLY C 55 5.97 1.77 -11.00
C GLY C 55 6.37 0.59 -11.85
N GLY C 56 7.41 -0.14 -11.45
CA GLY C 56 7.86 -1.26 -12.26
C GLY C 56 8.23 -2.47 -11.41
N THR C 57 7.67 -3.63 -11.75
CA THR C 57 6.80 -3.76 -12.91
C THR C 57 5.41 -4.23 -12.54
N THR C 58 4.41 -3.74 -13.28
CA THR C 58 3.04 -4.15 -13.07
C THR C 58 2.80 -5.57 -13.58
N TYR C 59 1.98 -6.31 -12.85
CA TYR C 59 1.60 -7.68 -13.20
C TYR C 59 0.10 -7.81 -13.26
N TYR C 60 -0.38 -8.58 -14.25
CA TYR C 60 -1.79 -8.76 -14.52
C TYR C 60 -2.04 -10.22 -14.86
N PRO C 61 -3.06 -10.84 -14.27
CA PRO C 61 -3.49 -12.16 -14.72
C PRO C 61 -4.15 -12.07 -16.09
N ASP C 62 -4.19 -13.22 -16.78
CA ASP C 62 -4.71 -13.25 -18.13
C ASP C 62 -6.19 -12.92 -18.22
N THR C 63 -6.93 -13.06 -17.12
CA THR C 63 -8.36 -12.75 -17.15
C THR C 63 -8.61 -11.26 -17.31
N VAL C 64 -7.66 -10.42 -16.87
CA VAL C 64 -7.80 -8.96 -16.95
C VAL C 64 -6.67 -8.31 -17.72
N LYS C 65 -5.72 -9.07 -18.23
CA LYS C 65 -4.60 -8.49 -18.96
C LYS C 65 -5.11 -7.82 -20.24
N GLY C 66 -4.64 -6.60 -20.48
CA GLY C 66 -5.07 -5.80 -21.61
C GLY C 66 -6.28 -4.93 -21.35
N ARG C 67 -7.00 -5.15 -20.26
CA ARG C 67 -8.17 -4.35 -19.91
C ARG C 67 -7.95 -3.47 -18.69
N PHE C 68 -7.31 -3.99 -17.65
CA PHE C 68 -7.06 -3.24 -16.43
C PHE C 68 -5.64 -2.71 -16.41
N THR C 69 -5.47 -1.54 -15.80
CA THR C 69 -4.16 -0.90 -15.72
C THR C 69 -3.99 -0.31 -14.33
N ILE C 70 -3.03 -0.83 -13.57
CA ILE C 70 -2.72 -0.33 -12.24
C ILE C 70 -1.63 0.72 -12.35
N SER C 71 -1.70 1.75 -11.51
CA SER C 71 -0.73 2.84 -11.54
C SER C 71 -0.60 3.44 -10.13
N ARG C 72 0.58 3.99 -9.86
CA ARG C 72 0.87 4.62 -8.60
C ARG C 72 0.98 6.13 -8.79
N ASP C 73 0.69 6.86 -7.70
CA ASP C 73 0.96 8.29 -7.59
C ASP C 73 1.57 8.49 -6.20
N ASN C 74 2.88 8.28 -6.09
CA ASN C 74 3.54 8.36 -4.79
C ASN C 74 3.62 9.79 -4.27
N ALA C 75 3.50 10.79 -5.14
CA ALA C 75 3.49 12.17 -4.69
C ALA C 75 2.25 12.46 -3.86
N LYS C 76 1.09 12.02 -4.33
CA LYS C 76 -0.18 12.21 -3.64
C LYS C 76 -0.60 11.01 -2.80
N ASN C 77 0.22 9.95 -2.77
CA ASN C 77 -0.06 8.73 -2.01
C ASN C 77 -1.42 8.15 -2.39
N THR C 78 -1.55 7.81 -3.68
CA THR C 78 -2.80 7.29 -4.21
C THR C 78 -2.51 6.16 -5.19
N LEU C 79 -3.22 5.05 -5.01
CA LEU C 79 -3.16 3.92 -5.94
C LEU C 79 -4.37 3.98 -6.87
N TYR C 80 -4.17 3.57 -8.12
CA TYR C 80 -5.21 3.66 -9.13
C TYR C 80 -5.43 2.30 -9.77
N LEU C 81 -6.63 2.12 -10.33
CA LEU C 81 -6.95 0.90 -11.09
C LEU C 81 -7.90 1.31 -12.22
N GLN C 82 -7.33 1.51 -13.41
CA GLN C 82 -8.13 1.86 -14.58
C GLN C 82 -8.77 0.60 -15.15
N MET C 83 -10.10 0.55 -15.10
CA MET C 83 -10.86 -0.56 -15.63
C MET C 83 -11.48 -0.19 -16.97
N SER C 84 -11.47 -1.13 -17.90
CA SER C 84 -12.06 -0.92 -19.21
C SER C 84 -12.54 -2.25 -19.75
N SER C 85 -13.54 -2.19 -20.64
CA SER C 85 -14.17 -3.38 -21.21
C SER C 85 -14.67 -4.31 -20.11
N LEU C 86 -15.49 -3.76 -19.23
CA LEU C 86 -15.99 -4.53 -18.08
C LEU C 86 -17.04 -5.53 -18.51
N LYS C 87 -17.05 -6.68 -17.84
CA LYS C 87 -18.01 -7.75 -18.09
C LYS C 87 -18.75 -8.07 -16.80
N SER C 88 -19.72 -8.98 -16.92
CA SER C 88 -20.50 -9.38 -15.75
C SER C 88 -19.64 -10.08 -14.71
N GLU C 89 -18.54 -10.70 -15.13
CA GLU C 89 -17.65 -11.37 -14.20
C GLU C 89 -16.87 -10.38 -13.34
N ASP C 90 -16.74 -9.13 -13.79
CA ASP C 90 -15.98 -8.12 -13.05
C ASP C 90 -16.73 -7.58 -11.83
N THR C 91 -17.99 -7.96 -11.64
CA THR C 91 -18.77 -7.49 -10.50
C THR C 91 -18.23 -8.13 -9.23
N ALA C 92 -17.63 -7.33 -8.36
CA ALA C 92 -17.03 -7.84 -7.14
C ALA C 92 -16.66 -6.66 -6.24
N ILE C 93 -16.27 -6.98 -5.01
CA ILE C 93 -15.77 -6.01 -4.06
C ILE C 93 -14.25 -5.98 -4.18
N TYR C 94 -13.71 -4.81 -4.53
CA TYR C 94 -12.28 -4.70 -4.81
C TYR C 94 -11.54 -4.13 -3.61
N TYR C 95 -10.32 -4.63 -3.38
CA TYR C 95 -9.50 -4.21 -2.25
C TYR C 95 -8.15 -3.73 -2.76
N CYS C 96 -7.63 -2.69 -2.13
CA CYS C 96 -6.26 -2.23 -2.37
C CYS C 96 -5.38 -2.67 -1.21
N ALA C 97 -4.26 -3.32 -1.54
CA ALA C 97 -3.44 -4.01 -0.55
C ALA C 97 -1.99 -3.56 -0.65
N ARG C 98 -1.39 -3.23 0.50
CA ARG C 98 0.05 -3.04 0.60
C ARG C 98 0.66 -4.28 1.26
N HIS C 99 1.69 -4.83 0.63
CA HIS C 99 2.27 -6.09 1.10
C HIS C 99 3.79 -6.04 1.15
N ALA C 100 4.33 -6.27 2.34
CA ALA C 100 5.74 -6.62 2.57
C ALA C 100 5.75 -7.86 3.45
N GLY C 101 5.56 -9.02 2.82
CA GLY C 101 5.38 -10.25 3.57
C GLY C 101 3.99 -10.31 4.19
N VAL C 102 3.75 -9.41 5.13
CA VAL C 102 2.43 -9.21 5.72
C VAL C 102 1.70 -8.16 4.89
N HIS C 103 0.43 -8.42 4.58
CA HIS C 103 -0.38 -7.39 3.95
C HIS C 103 -1.71 -7.16 4.64
N TYR C 104 -2.17 -5.92 4.50
CA TYR C 104 -3.32 -5.35 5.18
C TYR C 104 -4.25 -4.79 4.12
N TRP C 105 -5.52 -5.19 4.18
CA TRP C 105 -6.48 -4.78 3.16
C TRP C 105 -7.41 -3.70 3.71
N GLY C 106 -7.91 -2.87 2.79
CA GLY C 106 -8.91 -1.89 3.14
C GLY C 106 -10.28 -2.52 3.30
N GLN C 107 -11.28 -1.68 3.53
CA GLN C 107 -12.65 -2.15 3.68
C GLN C 107 -13.34 -2.41 2.35
N GLY C 108 -12.70 -2.09 1.22
CA GLY C 108 -13.21 -2.44 -0.08
C GLY C 108 -14.18 -1.44 -0.66
N THR C 109 -14.42 -1.58 -1.95
CA THR C 109 -15.42 -0.81 -2.67
C THR C 109 -16.10 -1.73 -3.68
N THR C 110 -17.42 -1.56 -3.83
CA THR C 110 -18.23 -2.50 -4.59
C THR C 110 -18.39 -2.02 -6.03
N LEU C 111 -18.08 -2.89 -6.98
CA LEU C 111 -18.32 -2.66 -8.40
C LEU C 111 -19.48 -3.55 -8.85
N THR C 112 -20.42 -2.95 -9.59
CA THR C 112 -21.58 -3.67 -10.10
C THR C 112 -21.66 -3.41 -11.61
N VAL C 113 -21.41 -4.44 -12.41
CA VAL C 113 -21.42 -4.33 -13.86
C VAL C 113 -22.67 -5.07 -14.34
N SER C 114 -23.69 -4.31 -14.72
CA SER C 114 -24.93 -4.89 -15.20
C SER C 114 -25.64 -3.89 -16.10
N SER C 115 -26.45 -4.40 -17.02
CA SER C 115 -27.23 -3.57 -17.92
C SER C 115 -28.59 -3.21 -17.35
N ALA C 116 -28.96 -3.75 -16.19
CA ALA C 116 -30.22 -3.42 -15.58
C ALA C 116 -30.25 -1.95 -15.15
N LYS C 117 -31.44 -1.35 -15.22
CA LYS C 117 -31.60 0.07 -14.95
C LYS C 117 -31.87 0.30 -13.48
N THR C 118 -31.40 1.44 -12.97
CA THR C 118 -31.59 1.77 -11.56
C THR C 118 -33.07 1.87 -11.23
N THR C 119 -33.45 1.31 -10.08
CA THR C 119 -34.85 1.23 -9.69
C THR C 119 -35.01 1.39 -8.18
N PRO C 120 -35.90 2.27 -7.72
CA PRO C 120 -36.15 2.40 -6.28
C PRO C 120 -37.00 1.24 -5.77
N PRO C 121 -36.86 0.89 -4.49
CA PRO C 121 -37.61 -0.24 -3.95
C PRO C 121 -39.05 0.11 -3.61
N SER C 122 -39.90 -0.90 -3.63
CA SER C 122 -41.29 -0.81 -3.19
C SER C 122 -41.40 -1.50 -1.85
N VAL C 123 -41.63 -0.72 -0.80
CA VAL C 123 -41.64 -1.22 0.58
C VAL C 123 -43.08 -1.60 0.96
N TYR C 124 -43.24 -2.77 1.56
CA TYR C 124 -44.57 -3.24 1.92
C TYR C 124 -44.56 -3.78 3.34
N PRO C 125 -45.59 -3.48 4.13
CA PRO C 125 -45.67 -4.02 5.50
C PRO C 125 -46.15 -5.46 5.50
N LEU C 126 -45.59 -6.25 6.42
CA LEU C 126 -45.97 -7.65 6.61
C LEU C 126 -46.57 -7.77 8.01
N ALA C 127 -47.89 -7.60 8.11
CA ALA C 127 -48.64 -7.66 9.35
C ALA C 127 -49.19 -9.07 9.58
N PRO C 128 -49.36 -9.48 10.85
CA PRO C 128 -49.94 -10.78 11.19
C PRO C 128 -51.38 -10.92 10.70
N VAL C 138 -44.90 -12.00 18.67
CA VAL C 138 -45.38 -11.28 17.50
C VAL C 138 -44.21 -10.86 16.62
N THR C 139 -44.12 -11.45 15.45
CA THR C 139 -43.06 -11.14 14.49
C THR C 139 -43.61 -10.28 13.37
N LEU C 140 -42.98 -9.14 13.13
CA LEU C 140 -43.40 -8.20 12.10
C LEU C 140 -42.37 -8.20 10.97
N GLY C 141 -42.85 -7.97 9.75
CA GLY C 141 -42.01 -8.03 8.57
C GLY C 141 -42.13 -6.77 7.73
N CYS C 142 -41.12 -6.58 6.88
CA CYS C 142 -41.07 -5.44 5.97
C CYS C 142 -40.45 -5.92 4.66
N LEU C 143 -41.26 -5.97 3.61
CA LEU C 143 -40.82 -6.51 2.31
C LEU C 143 -40.24 -5.40 1.46
N VAL C 144 -38.99 -5.57 1.06
CA VAL C 144 -38.30 -4.64 0.16
C VAL C 144 -38.13 -5.36 -1.18
N LYS C 145 -38.99 -5.03 -2.14
CA LYS C 145 -39.09 -5.77 -3.39
C LYS C 145 -38.84 -4.84 -4.57
N GLY C 146 -38.00 -5.30 -5.51
CA GLY C 146 -37.82 -4.63 -6.77
C GLY C 146 -36.94 -3.40 -6.74
N TYR C 147 -35.72 -3.53 -6.25
CA TYR C 147 -34.76 -2.45 -6.27
C TYR C 147 -33.48 -2.90 -6.98
N PHE C 148 -32.69 -1.93 -7.43
CA PHE C 148 -31.43 -2.20 -8.09
C PHE C 148 -30.62 -0.90 -8.17
N PRO C 149 -29.32 -0.94 -7.87
CA PRO C 149 -28.58 -2.12 -7.39
C PRO C 149 -28.61 -2.27 -5.88
N GLU C 150 -27.68 -3.06 -5.35
CA GLU C 150 -27.45 -3.16 -3.92
C GLU C 150 -26.76 -1.90 -3.42
N PRO C 151 -26.81 -1.63 -2.10
CA PRO C 151 -27.61 -2.30 -1.07
C PRO C 151 -28.81 -1.46 -0.62
N VAL C 152 -29.52 -1.94 0.41
CA VAL C 152 -30.53 -1.16 1.11
C VAL C 152 -30.28 -1.28 2.60
N THR C 153 -30.69 -0.25 3.34
CA THR C 153 -30.52 -0.19 4.78
C THR C 153 -31.88 -0.26 5.43
N VAL C 154 -32.18 -1.38 6.09
CA VAL C 154 -33.47 -1.61 6.72
C VAL C 154 -33.27 -1.56 8.23
N THR C 155 -33.88 -0.56 8.88
CA THR C 155 -33.89 -0.45 10.33
C THR C 155 -35.33 -0.37 10.81
N TRP C 156 -35.57 -0.89 12.01
CA TRP C 156 -36.89 -0.91 12.62
C TRP C 156 -36.98 0.21 13.65
N ASN C 157 -37.92 1.14 13.43
CA ASN C 157 -38.10 2.31 14.29
C ASN C 157 -36.81 3.10 14.44
N SER C 158 -36.16 3.38 13.30
CA SER C 158 -34.94 4.18 13.24
C SER C 158 -33.83 3.57 14.10
N GLY C 159 -33.70 2.24 14.02
CA GLY C 159 -32.67 1.56 14.78
C GLY C 159 -32.85 1.56 16.27
N SER C 160 -34.01 2.00 16.77
CA SER C 160 -34.22 2.04 18.21
C SER C 160 -34.34 0.64 18.80
N LEU C 161 -35.08 -0.24 18.14
CA LEU C 161 -35.23 -1.60 18.64
C LEU C 161 -33.97 -2.41 18.41
N SER C 162 -33.61 -2.63 17.14
CA SER C 162 -32.34 -3.26 16.74
C SER C 162 -32.05 -4.54 17.53
N SER C 163 -33.09 -5.27 17.91
CA SER C 163 -32.92 -6.51 18.66
C SER C 163 -34.15 -7.41 18.53
N VAL C 165 -34.13 -8.68 15.39
CA VAL C 165 -34.14 -8.09 14.05
C VAL C 165 -33.31 -8.94 13.10
N HIS C 166 -33.94 -9.42 12.04
CA HIS C 166 -33.29 -10.21 11.00
C HIS C 166 -33.49 -9.53 9.66
N THR C 167 -32.39 -9.36 8.92
CA THR C 167 -32.42 -8.84 7.56
C THR C 167 -31.86 -9.91 6.63
N PHE C 168 -32.71 -10.43 5.76
CA PHE C 168 -32.33 -11.55 4.91
C PHE C 168 -31.64 -11.08 3.64
N PRO C 169 -30.72 -11.87 3.11
CA PRO C 169 -30.05 -11.49 1.85
C PRO C 169 -31.04 -11.37 0.72
N ALA C 170 -30.65 -10.57 -0.28
CA ALA C 170 -31.54 -10.20 -1.37
C ALA C 170 -31.50 -11.24 -2.48
N VAL C 171 -32.67 -11.50 -3.07
CA VAL C 171 -32.83 -12.45 -4.15
C VAL C 171 -33.03 -11.68 -5.45
N LEU C 172 -32.40 -12.15 -6.52
CA LEU C 172 -32.53 -11.52 -7.83
C LEU C 172 -33.68 -12.18 -8.57
N GLN C 173 -34.66 -11.38 -8.97
CA GLN C 173 -35.83 -11.87 -9.70
C GLN C 173 -35.94 -11.08 -11.00
N SER C 174 -35.35 -11.62 -12.07
CA SER C 174 -35.31 -10.97 -13.37
C SER C 174 -34.79 -9.53 -13.24
N ASP C 175 -33.60 -9.41 -12.67
CA ASP C 175 -32.84 -8.17 -12.63
C ASP C 175 -33.45 -7.12 -11.69
N LEU C 176 -34.00 -7.58 -10.57
CA LEU C 176 -34.27 -6.71 -9.42
C LEU C 176 -33.97 -7.50 -8.16
N TYR C 177 -33.53 -6.79 -7.12
CA TYR C 177 -33.29 -7.42 -5.82
C TYR C 177 -34.53 -7.36 -4.94
N THR C 178 -34.71 -8.40 -4.13
CA THR C 178 -35.86 -8.55 -3.25
C THR C 178 -35.40 -9.21 -1.96
N LEU C 179 -35.73 -8.59 -0.83
CA LEU C 179 -35.41 -9.16 0.48
C LEU C 179 -36.55 -8.88 1.44
N SER C 180 -36.48 -9.51 2.61
CA SER C 180 -37.43 -9.32 3.69
C SER C 180 -36.68 -9.07 4.99
N SER C 181 -37.32 -8.35 5.89
CA SER C 181 -36.75 -8.04 7.20
C SER C 181 -37.77 -8.36 8.28
N SER C 182 -37.36 -9.14 9.28
CA SER C 182 -38.24 -9.58 10.34
C SER C 182 -37.78 -9.01 11.67
N VAL C 183 -38.73 -8.54 12.47
CA VAL C 183 -38.48 -8.06 13.82
C VAL C 183 -39.44 -8.78 14.76
N THR C 184 -38.93 -9.16 15.94
CA THR C 184 -39.71 -9.84 16.95
C THR C 184 -39.86 -8.93 18.17
N VAL C 185 -41.09 -8.65 18.55
CA VAL C 185 -41.38 -7.77 19.67
C VAL C 185 -42.21 -8.54 20.68
N PRO C 186 -42.16 -8.14 21.95
CA PRO C 186 -43.05 -8.75 22.95
C PRO C 186 -44.51 -8.51 22.59
N SER C 187 -45.37 -9.41 23.06
CA SER C 187 -46.79 -9.36 22.69
C SER C 187 -47.49 -8.12 23.25
N SER C 188 -46.94 -7.50 24.29
CA SER C 188 -47.57 -6.32 24.89
C SER C 188 -47.37 -5.06 24.06
N THR C 189 -46.38 -5.04 23.17
CA THR C 189 -45.98 -3.81 22.50
C THR C 189 -46.78 -3.48 21.25
N TRP C 190 -47.43 -4.45 20.62
CA TRP C 190 -48.02 -4.18 19.33
C TRP C 190 -49.50 -4.53 19.34
N PRO C 191 -50.39 -3.65 18.85
CA PRO C 191 -50.06 -2.29 18.40
C PRO C 191 -50.04 -1.25 19.52
N SER C 192 -49.62 -1.64 20.73
CA SER C 192 -49.50 -0.69 21.82
C SER C 192 -48.24 0.16 21.75
N GLU C 193 -47.44 -0.01 20.69
CA GLU C 193 -46.25 0.79 20.46
C GLU C 193 -45.98 0.80 18.96
N THR C 194 -45.47 1.92 18.47
CA THR C 194 -45.27 2.09 17.05
C THR C 194 -44.15 1.19 16.54
N VAL C 195 -44.35 0.65 15.33
CA VAL C 195 -43.34 -0.15 14.65
C VAL C 195 -43.28 0.34 13.20
N THR C 196 -42.16 0.93 12.82
CA THR C 196 -41.95 1.42 11.46
C THR C 196 -40.64 0.85 10.93
N CYS C 197 -40.66 0.34 9.70
CA CYS C 197 -39.46 -0.18 9.06
C CYS C 197 -38.89 0.91 8.16
N ASN C 198 -37.67 1.33 8.46
CA ASN C 198 -36.99 2.39 7.72
C ASN C 198 -36.13 1.76 6.62
N VAL C 199 -36.39 2.13 5.37
CA VAL C 199 -35.68 1.58 4.22
C VAL C 199 -35.01 2.74 3.50
N ALA C 200 -33.68 2.66 3.39
CA ALA C 200 -32.89 3.67 2.70
C ALA C 200 -32.18 3.04 1.51
N HIS C 201 -32.16 3.75 0.39
CA HIS C 201 -31.51 3.28 -0.84
C HIS C 201 -30.64 4.41 -1.38
N PRO C 202 -29.32 4.35 -1.16
CA PRO C 202 -28.47 5.46 -1.60
C PRO C 202 -28.35 5.57 -3.11
N ALA C 203 -28.53 4.49 -3.86
CA ALA C 203 -28.45 4.56 -5.31
C ALA C 203 -29.57 5.42 -5.88
N SER C 204 -30.72 5.46 -5.20
CA SER C 204 -31.83 6.31 -5.62
C SER C 204 -32.09 7.48 -4.68
N SER C 205 -31.36 7.57 -3.55
CA SER C 205 -31.51 8.64 -2.57
C SER C 205 -32.95 8.73 -2.07
N THR C 206 -33.57 7.57 -1.83
CA THR C 206 -34.95 7.48 -1.36
C THR C 206 -34.95 6.86 0.02
N LYS C 207 -35.24 7.67 1.04
CA LYS C 207 -35.43 7.19 2.40
C LYS C 207 -36.93 7.02 2.65
N VAL C 208 -37.37 5.79 2.86
CA VAL C 208 -38.78 5.46 2.97
C VAL C 208 -39.03 4.79 4.31
N ASP C 209 -40.06 5.26 5.03
CA ASP C 209 -40.47 4.70 6.31
C ASP C 209 -41.95 4.41 6.27
N LYS C 210 -42.30 3.12 6.36
CA LYS C 210 -43.70 2.68 6.34
C LYS C 210 -44.04 2.03 7.66
N LYS C 211 -45.05 2.55 8.35
CA LYS C 211 -45.47 1.98 9.61
C LYS C 211 -46.20 0.65 9.37
N ILE C 212 -46.32 -0.12 10.45
CA ILE C 212 -46.97 -1.43 10.42
C ILE C 212 -48.32 -1.30 11.11
N VAL C 213 -49.37 -1.69 10.41
CA VAL C 213 -50.74 -1.57 10.92
C VAL C 213 -51.26 -2.95 11.29
N PRO C 214 -52.26 -3.05 12.19
CA PRO C 214 -52.73 -4.39 12.59
C PRO C 214 -53.44 -5.14 11.47
N ARG C 215 -54.28 -4.47 10.70
CA ARG C 215 -55.00 -5.12 9.61
C ARG C 215 -55.30 -4.15 8.48
N ASP D 1 -0.45 -21.92 -13.25
CA ASP D 1 -1.57 -21.60 -12.37
C ASP D 1 -1.78 -22.70 -11.33
N ILE D 2 -1.46 -22.39 -10.08
CA ILE D 2 -1.55 -23.36 -9.00
C ILE D 2 -2.96 -23.29 -8.40
N VAL D 3 -3.65 -24.43 -8.40
CA VAL D 3 -4.96 -24.54 -7.78
C VAL D 3 -4.79 -24.86 -6.31
N MET D 4 -5.44 -24.10 -5.44
CA MET D 4 -5.29 -24.24 -3.99
C MET D 4 -6.53 -24.93 -3.44
N THR D 5 -6.41 -26.22 -3.16
CA THR D 5 -7.50 -26.98 -2.57
C THR D 5 -7.46 -26.84 -1.05
N GLN D 6 -8.59 -26.46 -0.46
CA GLN D 6 -8.68 -26.17 0.96
C GLN D 6 -9.81 -27.00 1.55
N SER D 7 -9.49 -27.81 2.56
CA SER D 7 -10.42 -28.77 3.12
C SER D 7 -10.47 -28.65 4.64
N PRO D 8 -11.66 -28.78 5.26
CA PRO D 8 -12.93 -28.93 4.55
C PRO D 8 -13.53 -27.59 4.14
N SER D 9 -14.63 -27.62 3.37
CA SER D 9 -15.27 -26.38 2.96
C SER D 9 -16.12 -25.79 4.08
N SER D 10 -16.62 -26.62 4.99
CA SER D 10 -17.44 -26.14 6.09
C SER D 10 -17.36 -27.15 7.23
N MET D 11 -17.32 -26.64 8.46
CA MET D 11 -17.24 -27.50 9.63
C MET D 11 -17.67 -26.71 10.86
N TYR D 12 -18.33 -27.40 11.78
CA TYR D 12 -18.74 -26.83 13.06
C TYR D 12 -17.74 -27.18 14.15
N ALA D 13 -17.78 -26.41 15.23
CA ALA D 13 -16.92 -26.63 16.39
C ALA D 13 -17.50 -25.86 17.57
N SER D 14 -17.02 -26.21 18.76
CA SER D 14 -17.45 -25.57 20.00
C SER D 14 -16.33 -24.71 20.56
N LEU D 15 -16.66 -24.00 21.64
CA LEU D 15 -15.70 -23.10 22.27
C LEU D 15 -14.60 -23.92 22.95
N GLY D 16 -13.35 -23.53 22.71
CA GLY D 16 -12.21 -24.22 23.28
C GLY D 16 -11.80 -25.48 22.58
N GLU D 17 -12.49 -25.87 21.50
CA GLU D 17 -12.14 -27.08 20.78
C GLU D 17 -11.01 -26.83 19.79
N ARG D 18 -10.21 -27.87 19.55
CA ARG D 18 -9.11 -27.78 18.61
C ARG D 18 -9.64 -27.93 17.19
N VAL D 19 -9.30 -26.96 16.32
CA VAL D 19 -9.74 -26.93 14.94
C VAL D 19 -8.51 -26.96 14.05
N THR D 20 -8.53 -27.82 13.04
CA THR D 20 -7.43 -27.94 12.09
C THR D 20 -7.99 -28.00 10.68
N ILE D 21 -7.56 -27.07 9.82
CA ILE D 21 -7.95 -27.05 8.43
C ILE D 21 -6.69 -27.16 7.57
N THR D 22 -6.87 -27.66 6.35
CA THR D 22 -5.74 -27.93 5.47
C THR D 22 -5.90 -27.18 4.15
N CYS D 23 -4.77 -26.82 3.56
CA CYS D 23 -4.72 -26.19 2.23
C CYS D 23 -3.63 -26.88 1.42
N LYS D 24 -4.01 -27.50 0.32
CA LYS D 24 -3.09 -28.21 -0.55
C LYS D 24 -2.98 -27.48 -1.89
N ALA D 25 -1.75 -27.38 -2.39
CA ALA D 25 -1.48 -26.69 -3.65
C ALA D 25 -1.35 -27.67 -4.80
N SER D 26 -1.50 -27.15 -6.01
CA SER D 26 -1.33 -27.97 -7.21
C SER D 26 0.12 -28.34 -7.45
N GLN D 27 1.07 -27.59 -6.88
CA GLN D 27 2.49 -27.87 -7.03
C GLN D 27 3.22 -27.34 -5.80
N ASP D 28 4.52 -27.58 -5.75
CA ASP D 28 5.34 -27.11 -4.63
C ASP D 28 5.43 -25.59 -4.66
N ILE D 29 5.30 -24.98 -3.48
CA ILE D 29 5.24 -23.52 -3.39
C ILE D 29 6.28 -22.98 -2.41
N ASN D 30 7.23 -23.83 -2.03
CA ASN D 30 8.39 -23.41 -1.21
C ASN D 30 7.97 -22.70 0.06
N SER D 31 6.86 -23.14 0.65
CA SER D 31 6.37 -22.63 1.94
C SER D 31 6.06 -21.14 1.89
N TYR D 32 5.65 -20.63 0.73
CA TYR D 32 5.20 -19.24 0.61
C TYR D 32 3.67 -19.24 0.62
N LEU D 33 3.12 -19.38 1.83
CA LEU D 33 1.68 -19.47 2.01
C LEU D 33 1.25 -18.61 3.17
N SER D 34 0.15 -17.87 2.99
CA SER D 34 -0.39 -17.00 4.02
C SER D 34 -1.84 -17.37 4.32
N TRP D 35 -2.24 -17.22 5.58
CA TRP D 35 -3.58 -17.57 6.03
C TRP D 35 -4.36 -16.30 6.37
N PHE D 36 -5.55 -16.16 5.81
CA PHE D 36 -6.40 -15.02 6.13
C PHE D 36 -7.64 -15.47 6.91
N GLN D 37 -8.25 -14.48 7.58
CA GLN D 37 -9.52 -14.63 8.24
C GLN D 37 -10.43 -13.48 7.82
N GLN D 38 -11.70 -13.78 7.55
CA GLN D 38 -12.66 -12.76 7.18
C GLN D 38 -13.86 -12.85 8.10
N LYS D 39 -14.15 -11.75 8.80
CA LYS D 39 -15.42 -11.62 9.49
C LYS D 39 -16.54 -11.43 8.47
N PRO D 40 -17.77 -11.81 8.80
CA PRO D 40 -18.87 -11.71 7.83
C PRO D 40 -19.04 -10.30 7.25
N GLY D 41 -19.05 -9.28 8.11
CA GLY D 41 -19.27 -7.91 7.69
C GLY D 41 -18.03 -7.07 7.50
N LYS D 42 -16.84 -7.65 7.57
CA LYS D 42 -15.59 -6.91 7.47
C LYS D 42 -14.64 -7.63 6.51
N SER D 43 -13.48 -7.01 6.27
CA SER D 43 -12.49 -7.39 5.28
C SER D 43 -11.56 -8.48 5.82
N PRO D 44 -10.87 -9.19 4.93
CA PRO D 44 -9.92 -10.22 5.40
C PRO D 44 -8.78 -9.61 6.18
N LYS D 45 -8.36 -10.32 7.23
CA LYS D 45 -7.23 -9.94 8.05
C LYS D 45 -6.17 -11.03 8.01
N ASN D 46 -4.91 -10.62 7.84
CA ASN D 46 -3.81 -11.57 7.76
C ASN D 46 -3.49 -12.13 9.14
N LEU D 47 -3.37 -13.45 9.22
CA LEU D 47 -3.05 -14.14 10.46
C LEU D 47 -1.66 -14.78 10.47
N ILE D 48 -1.27 -15.44 9.39
CA ILE D 48 0.01 -16.11 9.30
C ILE D 48 0.62 -15.83 7.93
N TYR D 49 1.94 -15.65 7.90
CA TYR D 49 2.67 -15.54 6.65
C TYR D 49 3.90 -16.43 6.74
N ARG D 50 4.33 -16.96 5.60
CA ARG D 50 5.36 -17.99 5.48
C ARG D 50 4.95 -19.30 6.12
N ALA D 51 3.67 -19.45 6.45
CA ALA D 51 3.01 -20.69 6.86
C ALA D 51 3.36 -21.12 8.28
N ASN D 52 4.30 -20.44 8.91
CA ASN D 52 4.59 -20.72 10.31
C ASN D 52 4.89 -19.49 11.15
N ARG D 53 4.89 -18.29 10.57
CA ARG D 53 5.28 -17.08 11.27
C ARG D 53 4.05 -16.17 11.40
N LEU D 54 3.65 -15.89 12.64
CA LEU D 54 2.44 -15.14 12.87
C LEU D 54 2.62 -13.66 12.54
N VAL D 55 1.52 -13.02 12.17
CA VAL D 55 1.48 -11.58 11.99
C VAL D 55 1.44 -10.92 13.36
N ASP D 56 2.21 -9.85 13.52
CA ASP D 56 2.28 -9.16 14.80
C ASP D 56 0.91 -8.65 15.22
N GLY D 57 0.45 -9.08 16.40
CA GLY D 57 -0.84 -8.70 16.93
C GLY D 57 -1.86 -9.82 16.94
N VAL D 58 -1.54 -10.99 16.41
CA VAL D 58 -2.46 -12.12 16.37
C VAL D 58 -2.26 -12.95 17.64
N PRO D 59 -3.33 -13.38 18.31
CA PRO D 59 -3.18 -14.20 19.51
C PRO D 59 -2.42 -15.49 19.21
N SER D 60 -1.77 -16.02 20.25
CA SER D 60 -0.95 -17.23 20.15
C SER D 60 -1.75 -18.51 19.98
N ARG D 61 -3.06 -18.40 19.81
CA ARG D 61 -3.89 -19.58 19.62
C ARG D 61 -3.66 -20.20 18.25
N PHE D 62 -3.30 -19.39 17.26
CA PHE D 62 -3.13 -19.87 15.90
C PHE D 62 -1.75 -20.48 15.71
N SER D 63 -1.73 -21.73 15.25
CA SER D 63 -0.51 -22.41 14.84
C SER D 63 -0.58 -22.69 13.34
N GLY D 64 0.43 -23.36 12.82
CA GLY D 64 0.48 -23.67 11.41
C GLY D 64 1.77 -24.30 10.97
N SER D 65 1.68 -25.31 10.11
CA SER D 65 2.85 -26.04 9.63
C SER D 65 2.58 -26.49 8.20
N GLY D 66 3.40 -27.40 7.73
CA GLY D 66 3.28 -27.90 6.36
C GLY D 66 4.52 -27.62 5.54
N SER D 67 4.74 -28.42 4.50
CA SER D 67 5.92 -28.28 3.67
C SER D 67 5.64 -28.75 2.26
N GLY D 68 6.10 -27.97 1.28
CA GLY D 68 6.04 -28.36 -0.11
C GLY D 68 4.67 -28.23 -0.74
N GLN D 69 3.74 -29.12 -0.38
CA GLN D 69 2.44 -29.13 -1.05
C GLN D 69 1.25 -29.23 -0.10
N ASP D 70 1.43 -29.66 1.15
CA ASP D 70 0.33 -29.82 2.10
C ASP D 70 0.60 -28.92 3.31
N TYR D 71 -0.27 -27.93 3.51
CA TYR D 71 -0.14 -26.96 4.60
C TYR D 71 -1.41 -26.96 5.43
N SER D 72 -1.28 -26.62 6.71
CA SER D 72 -2.37 -26.73 7.65
C SER D 72 -2.43 -25.52 8.58
N LEU D 73 -3.65 -25.18 8.99
CA LEU D 73 -3.91 -24.15 9.97
C LEU D 73 -4.58 -24.79 11.19
N THR D 74 -4.06 -24.49 12.38
CA THR D 74 -4.52 -25.12 13.60
C THR D 74 -4.84 -24.06 14.65
N ILE D 75 -6.00 -24.19 15.28
CA ILE D 75 -6.39 -23.35 16.41
C ILE D 75 -6.41 -24.24 17.65
N SER D 76 -5.52 -23.96 18.60
CA SER D 76 -5.40 -24.82 19.77
C SER D 76 -6.63 -24.76 20.66
N SER D 77 -7.16 -23.56 20.90
CA SER D 77 -8.36 -23.37 21.71
C SER D 77 -9.24 -22.37 20.99
N LEU D 78 -10.30 -22.84 20.36
CA LEU D 78 -11.14 -21.98 19.54
C LEU D 78 -11.91 -20.97 20.40
N GLU D 79 -12.13 -19.80 19.83
CA GLU D 79 -12.86 -18.72 20.47
C GLU D 79 -14.05 -18.32 19.59
N TYR D 80 -14.87 -17.41 20.12
CA TYR D 80 -16.02 -16.91 19.38
C TYR D 80 -15.65 -15.76 18.44
N GLU D 81 -14.49 -15.15 18.66
CA GLU D 81 -13.94 -14.11 17.78
C GLU D 81 -13.14 -14.70 16.63
N ASP D 82 -13.06 -16.02 16.53
CA ASP D 82 -12.36 -16.71 15.45
C ASP D 82 -13.31 -17.35 14.45
N MET D 83 -14.62 -17.18 14.64
CA MET D 83 -15.60 -17.78 13.74
C MET D 83 -15.66 -17.00 12.44
N GLY D 84 -15.49 -17.68 11.31
CA GLY D 84 -15.55 -17.02 10.03
C GLY D 84 -15.03 -17.92 8.92
N ILE D 85 -14.65 -17.29 7.82
CA ILE D 85 -14.13 -17.99 6.64
C ILE D 85 -12.62 -17.77 6.60
N TYR D 86 -11.87 -18.87 6.43
CA TYR D 86 -10.42 -18.83 6.39
C TYR D 86 -9.95 -19.08 4.96
N TYR D 87 -9.00 -18.25 4.51
CA TYR D 87 -8.44 -18.36 3.16
C TYR D 87 -6.95 -18.62 3.25
N CYS D 88 -6.43 -19.44 2.33
CA CYS D 88 -5.01 -19.72 2.22
C CYS D 88 -4.48 -19.10 0.93
N LEU D 89 -3.37 -18.37 1.05
CA LEU D 89 -2.82 -17.58 -0.04
C LEU D 89 -1.55 -18.25 -0.58
N GLN D 90 -1.36 -18.17 -1.89
CA GLN D 90 -0.17 -18.67 -2.56
C GLN D 90 0.55 -17.51 -3.23
N TYR D 91 1.80 -17.27 -2.83
CA TYR D 91 2.60 -16.21 -3.43
C TYR D 91 4.00 -16.71 -3.79
N ASP D 92 4.12 -18.00 -4.11
CA ASP D 92 5.39 -18.53 -4.57
C ASP D 92 5.69 -18.11 -6.00
N GLU D 93 4.66 -17.96 -6.83
CA GLU D 93 4.84 -17.59 -8.22
C GLU D 93 3.57 -16.89 -8.72
N PHE D 94 3.74 -16.03 -9.71
CA PHE D 94 2.62 -15.32 -10.29
C PHE D 94 1.90 -16.20 -11.31
N PRO D 95 0.56 -16.11 -11.41
CA PRO D 95 -0.29 -15.25 -10.58
C PRO D 95 -0.56 -15.84 -9.21
N TRP D 96 -0.83 -14.99 -8.22
CA TRP D 96 -1.08 -15.43 -6.87
C TRP D 96 -2.53 -15.87 -6.73
N THR D 97 -2.74 -17.15 -6.44
CA THR D 97 -4.06 -17.73 -6.31
C THR D 97 -4.35 -18.06 -4.85
N PHE D 98 -5.63 -18.00 -4.48
CA PHE D 98 -6.04 -18.28 -3.11
C PHE D 98 -6.74 -19.64 -3.06
N GLY D 99 -7.24 -20.00 -1.88
CA GLY D 99 -8.00 -21.21 -1.69
C GLY D 99 -9.49 -20.96 -1.77
N GLY D 100 -10.25 -22.05 -1.79
CA GLY D 100 -11.69 -21.96 -1.87
C GLY D 100 -12.32 -21.35 -0.63
N GLY D 101 -11.67 -21.50 0.53
CA GLY D 101 -12.18 -20.95 1.76
C GLY D 101 -12.80 -22.00 2.66
N THR D 102 -12.52 -21.91 3.97
CA THR D 102 -13.07 -22.83 4.96
C THR D 102 -13.99 -22.05 5.89
N LYS D 103 -15.25 -22.46 5.96
CA LYS D 103 -16.24 -21.80 6.80
C LYS D 103 -16.23 -22.46 8.17
N LEU D 104 -15.86 -21.68 9.20
CA LEU D 104 -15.83 -22.15 10.57
C LEU D 104 -17.01 -21.54 11.32
N GLU D 105 -17.90 -22.39 11.80
CA GLU D 105 -19.15 -21.96 12.42
C GLU D 105 -19.26 -22.51 13.84
N SER D 106 -20.04 -21.81 14.66
CA SER D 106 -20.21 -22.18 16.06
C SER D 106 -21.30 -23.24 16.20
N LYS D 107 -21.11 -24.11 17.19
CA LYS D 107 -22.01 -25.23 17.44
C LYS D 107 -22.70 -25.06 18.78
N ARG D 108 -23.94 -25.55 18.85
CA ARG D 108 -24.78 -25.44 20.04
C ARG D 108 -25.89 -26.48 19.95
N ALA D 109 -26.84 -26.40 20.88
CA ALA D 109 -27.91 -27.38 20.97
C ALA D 109 -28.99 -27.14 19.92
N ASP D 110 -29.66 -28.21 19.52
CA ASP D 110 -30.68 -28.11 18.48
C ASP D 110 -31.87 -27.30 18.96
N ALA D 111 -32.50 -26.58 18.03
CA ALA D 111 -33.64 -25.73 18.33
C ALA D 111 -34.66 -25.82 17.20
N ALA D 112 -35.90 -25.36 17.49
CA ALA D 112 -37.01 -25.38 16.56
C ALA D 112 -37.28 -23.97 16.03
N PRO D 113 -37.69 -23.85 14.77
CA PRO D 113 -37.91 -22.53 14.18
C PRO D 113 -39.24 -21.92 14.62
N THR D 114 -39.22 -20.60 14.77
CA THR D 114 -40.44 -19.82 15.01
C THR D 114 -41.03 -19.45 13.66
N VAL D 115 -42.11 -20.11 13.28
CA VAL D 115 -42.68 -19.98 11.95
C VAL D 115 -43.73 -18.89 11.96
N SER D 116 -43.74 -18.07 10.90
CA SER D 116 -44.71 -16.99 10.78
C SER D 116 -45.03 -16.77 9.30
N ILE D 117 -46.32 -16.75 8.98
CA ILE D 117 -46.79 -16.56 7.61
C ILE D 117 -47.46 -15.19 7.53
N PHE D 118 -47.34 -14.57 6.35
CA PHE D 118 -47.82 -13.20 6.14
C PHE D 118 -48.61 -13.14 4.84
N PRO D 119 -49.88 -12.77 4.87
CA PRO D 119 -50.64 -12.58 3.62
C PRO D 119 -50.16 -11.34 2.89
N PRO D 120 -50.35 -11.29 1.57
CA PRO D 120 -49.96 -10.09 0.81
C PRO D 120 -50.79 -8.89 1.23
N SER D 121 -50.12 -7.77 1.49
CA SER D 121 -50.81 -6.54 1.87
C SER D 121 -51.57 -5.96 0.68
N SER D 122 -52.63 -5.22 0.98
CA SER D 122 -53.44 -4.62 -0.07
C SER D 122 -52.74 -3.46 -0.77
N GLU D 123 -51.62 -2.97 -0.22
CA GLU D 123 -50.83 -1.98 -0.94
C GLU D 123 -50.08 -2.60 -2.10
N GLN D 124 -49.52 -3.79 -1.89
CA GLN D 124 -48.90 -4.53 -2.99
C GLN D 124 -49.94 -5.12 -3.92
N LEU D 125 -51.06 -5.60 -3.35
CA LEU D 125 -52.02 -6.37 -4.13
C LEU D 125 -52.66 -5.52 -5.22
N THR D 126 -52.76 -4.21 -5.01
CA THR D 126 -53.27 -3.32 -6.06
C THR D 126 -52.14 -2.87 -6.99
N SER D 127 -51.30 -3.83 -7.42
CA SER D 127 -50.29 -3.57 -8.43
C SER D 127 -50.13 -4.71 -9.43
N GLY D 128 -50.94 -5.75 -9.34
CA GLY D 128 -50.81 -6.90 -10.23
C GLY D 128 -50.00 -8.06 -9.66
N GLY D 129 -49.41 -7.90 -8.47
CA GLY D 129 -48.59 -8.94 -7.90
C GLY D 129 -48.94 -9.17 -6.44
N ALA D 130 -48.64 -10.38 -5.97
CA ALA D 130 -48.88 -10.77 -4.59
C ALA D 130 -47.75 -11.68 -4.13
N SER D 131 -47.34 -11.51 -2.87
CA SER D 131 -46.23 -12.27 -2.30
C SER D 131 -46.61 -12.76 -0.92
N VAL D 132 -46.66 -14.08 -0.75
CA VAL D 132 -46.91 -14.70 0.55
C VAL D 132 -45.57 -15.07 1.15
N VAL D 133 -45.27 -14.53 2.32
CA VAL D 133 -43.96 -14.66 2.96
C VAL D 133 -44.09 -15.54 4.18
N CYS D 134 -43.08 -16.41 4.39
CA CYS D 134 -43.06 -17.34 5.51
C CYS D 134 -41.68 -17.29 6.16
N PHE D 135 -41.64 -16.83 7.41
CA PHE D 135 -40.39 -16.67 8.14
C PHE D 135 -40.10 -17.88 9.01
N LEU D 136 -38.82 -18.25 9.11
CA LEU D 136 -38.36 -19.34 9.96
C LEU D 136 -37.20 -18.78 10.79
N ASN D 137 -37.52 -18.20 11.95
CA ASN D 137 -36.55 -17.45 12.73
C ASN D 137 -35.97 -18.29 13.86
N ASN D 138 -34.65 -18.17 14.06
CA ASN D 138 -33.95 -18.69 15.23
C ASN D 138 -34.11 -20.21 15.34
N PHE D 139 -33.57 -20.91 14.35
CA PHE D 139 -33.51 -22.36 14.35
C PHE D 139 -32.06 -22.84 14.21
N TYR D 140 -31.87 -24.14 14.42
CA TYR D 140 -30.56 -24.77 14.34
C TYR D 140 -30.76 -26.26 14.23
N PRO D 141 -30.01 -26.98 13.37
CA PRO D 141 -28.96 -26.48 12.48
C PRO D 141 -29.50 -25.89 11.16
N LYS D 142 -28.63 -25.82 10.16
CA LYS D 142 -29.00 -25.22 8.88
C LYS D 142 -30.11 -26.00 8.19
N ASP D 143 -29.90 -27.30 7.97
CA ASP D 143 -30.79 -28.12 7.17
C ASP D 143 -32.23 -28.08 7.67
N ILE D 144 -33.13 -27.52 6.84
CA ILE D 144 -34.54 -27.46 7.16
C ILE D 144 -35.32 -27.50 5.85
N ASN D 145 -36.49 -28.13 5.89
CA ASN D 145 -37.32 -28.32 4.70
C ASN D 145 -38.57 -27.45 4.78
N VAL D 146 -38.99 -26.93 3.64
CA VAL D 146 -40.16 -26.06 3.54
C VAL D 146 -41.09 -26.60 2.46
N LYS D 147 -42.36 -26.77 2.81
CA LYS D 147 -43.40 -27.16 1.86
C LYS D 147 -44.46 -26.08 1.80
N TRP D 148 -44.85 -25.68 0.59
CA TRP D 148 -45.90 -24.70 0.36
C TRP D 148 -47.17 -25.40 -0.10
N LYS D 149 -48.10 -25.59 0.82
CA LYS D 149 -49.43 -26.11 0.50
C LYS D 149 -50.34 -24.96 0.10
N ILE D 150 -51.06 -25.12 -1.00
CA ILE D 150 -51.89 -24.07 -1.57
C ILE D 150 -53.37 -24.41 -1.50
N ASP D 151 -53.74 -25.65 -1.80
CA ASP D 151 -55.09 -26.14 -1.62
C ASP D 151 -55.04 -27.58 -1.12
N GLY D 152 -54.12 -27.87 -0.21
CA GLY D 152 -53.78 -29.24 0.13
C GLY D 152 -52.78 -29.87 -0.81
N SER D 153 -52.27 -29.12 -1.79
CA SER D 153 -51.28 -29.61 -2.74
C SER D 153 -50.17 -28.58 -2.88
N GLU D 154 -49.02 -29.04 -3.37
CA GLU D 154 -47.87 -28.16 -3.54
C GLU D 154 -47.82 -27.61 -4.96
N GLY D 158 -43.24 -21.02 -7.70
CA GLY D 158 -42.28 -19.93 -7.65
C GLY D 158 -41.91 -19.52 -6.23
N VAL D 159 -41.00 -20.26 -5.63
CA VAL D 159 -40.56 -20.03 -4.26
C VAL D 159 -39.10 -19.60 -4.28
N LEU D 160 -38.80 -18.48 -3.61
CA LEU D 160 -37.44 -17.98 -3.46
C LEU D 160 -37.11 -17.92 -1.97
N ASN D 161 -35.91 -18.37 -1.62
CA ASN D 161 -35.49 -18.48 -0.23
C ASN D 161 -34.27 -17.61 0.03
N SER D 162 -34.02 -17.35 1.31
CA SER D 162 -32.86 -16.57 1.74
C SER D 162 -32.43 -17.07 3.11
N TRP D 163 -31.12 -17.11 3.34
CA TRP D 163 -30.54 -17.68 4.55
C TRP D 163 -29.70 -16.62 5.25
N THR D 164 -29.87 -16.49 6.57
CA THR D 164 -28.96 -15.67 7.34
C THR D 164 -27.63 -16.39 7.53
N ASP D 165 -26.62 -15.64 7.96
CA ASP D 165 -25.27 -16.22 8.02
C ASP D 165 -25.12 -17.09 9.28
N GLN D 166 -25.08 -16.44 10.44
CA GLN D 166 -25.21 -17.07 11.75
C GLN D 166 -25.28 -15.96 12.79
N ASP D 167 -26.25 -16.00 13.69
CA ASP D 167 -26.43 -14.92 14.64
C ASP D 167 -25.25 -14.86 15.60
N SER D 168 -24.71 -13.66 15.81
CA SER D 168 -23.57 -13.44 16.69
C SER D 168 -23.97 -13.42 18.16
N LYS D 169 -25.22 -13.71 18.48
CA LYS D 169 -25.70 -13.70 19.86
C LYS D 169 -26.10 -15.10 20.34
N ASP D 170 -26.99 -15.78 19.62
CA ASP D 170 -27.46 -17.10 20.01
C ASP D 170 -27.08 -18.20 19.02
N SER D 171 -26.31 -17.87 17.98
CA SER D 171 -25.77 -18.85 17.04
C SER D 171 -26.87 -19.64 16.33
N THR D 172 -28.00 -19.00 16.07
CA THR D 172 -29.09 -19.60 15.33
C THR D 172 -29.14 -19.06 13.90
N TYR D 173 -29.91 -19.73 13.06
CA TYR D 173 -30.13 -19.30 11.69
C TYR D 173 -31.55 -18.78 11.52
N SER D 174 -31.81 -18.22 10.34
CA SER D 174 -33.15 -17.72 10.02
C SER D 174 -33.31 -17.73 8.50
N MET D 175 -34.45 -18.23 8.04
CA MET D 175 -34.74 -18.27 6.61
C MET D 175 -36.11 -17.67 6.32
N SER D 176 -36.18 -16.87 5.26
CA SER D 176 -37.42 -16.33 4.74
C SER D 176 -37.77 -17.03 3.43
N SER D 177 -39.04 -17.39 3.28
CA SER D 177 -39.54 -18.06 2.09
C SER D 177 -40.66 -17.22 1.50
N THR D 178 -40.47 -16.77 0.26
CA THR D 178 -41.41 -15.88 -0.41
C THR D 178 -42.01 -16.59 -1.62
N LEU D 179 -43.32 -16.80 -1.59
CA LEU D 179 -44.06 -17.36 -2.72
C LEU D 179 -44.66 -16.20 -3.51
N THR D 180 -44.10 -15.96 -4.70
CA THR D 180 -44.51 -14.84 -5.54
C THR D 180 -45.57 -15.32 -6.53
N LEU D 181 -46.79 -14.80 -6.39
CA LEU D 181 -47.89 -15.12 -7.29
C LEU D 181 -48.41 -13.83 -7.93
N THR D 182 -49.31 -13.99 -8.88
CA THR D 182 -49.96 -12.84 -9.50
C THR D 182 -51.23 -12.49 -8.72
N LYS D 183 -51.82 -11.34 -9.09
CA LYS D 183 -53.04 -10.90 -8.42
C LYS D 183 -54.19 -11.88 -8.65
N ASP D 184 -54.33 -12.35 -9.88
CA ASP D 184 -55.40 -13.29 -10.19
C ASP D 184 -55.14 -14.66 -9.59
N GLU D 185 -53.88 -15.11 -9.60
CA GLU D 185 -53.56 -16.42 -9.03
C GLU D 185 -53.75 -16.42 -7.52
N TYR D 186 -53.39 -15.33 -6.85
CA TYR D 186 -53.61 -15.24 -5.40
C TYR D 186 -55.09 -15.14 -5.06
N GLU D 187 -55.80 -14.19 -5.68
CA GLU D 187 -57.19 -13.96 -5.36
C GLU D 187 -58.09 -15.14 -5.71
N ARG D 188 -57.57 -16.13 -6.44
CA ARG D 188 -58.38 -17.28 -6.80
C ARG D 188 -58.43 -18.31 -5.68
N HIS D 189 -57.30 -18.59 -5.04
CA HIS D 189 -57.22 -19.65 -4.05
C HIS D 189 -57.44 -19.09 -2.65
N ASN D 190 -57.58 -19.98 -1.67
CA ASN D 190 -58.01 -19.52 -0.35
C ASN D 190 -57.11 -19.96 0.80
N SER D 191 -56.61 -21.20 0.78
CA SER D 191 -56.01 -21.81 1.96
C SER D 191 -54.50 -21.98 1.77
N TYR D 192 -53.74 -20.94 2.10
CA TYR D 192 -52.29 -20.96 1.98
C TYR D 192 -51.66 -21.46 3.27
N THR D 193 -50.80 -22.47 3.14
CA THR D 193 -50.17 -23.13 4.28
C THR D 193 -48.66 -23.19 4.06
N CYS D 194 -47.90 -23.09 5.16
CA CYS D 194 -46.44 -23.12 5.13
C CYS D 194 -45.95 -24.17 6.12
N GLU D 195 -45.72 -25.39 5.65
CA GLU D 195 -45.08 -26.40 6.49
C GLU D 195 -43.59 -26.12 6.64
N ALA D 196 -43.03 -26.57 7.75
CA ALA D 196 -41.60 -26.42 8.03
C ALA D 196 -41.12 -27.71 8.69
N THR D 197 -40.32 -28.48 7.97
CA THR D 197 -39.85 -29.78 8.43
C THR D 197 -38.43 -29.66 8.97
N HIS D 198 -38.27 -29.89 10.26
CA HIS D 198 -36.97 -29.87 10.92
C HIS D 198 -36.77 -31.20 11.62
N LYS D 199 -35.56 -31.42 12.14
CA LYS D 199 -35.25 -32.68 12.81
C LYS D 199 -35.53 -32.64 14.31
N THR D 200 -36.10 -31.56 14.84
CA THR D 200 -36.49 -31.55 16.24
C THR D 200 -37.65 -32.50 16.50
N SER D 201 -38.45 -32.77 15.47
CA SER D 201 -39.57 -33.70 15.57
C SER D 201 -39.92 -34.16 14.16
N THR D 202 -40.71 -35.23 14.08
CA THR D 202 -41.16 -35.76 12.80
C THR D 202 -42.45 -35.10 12.30
N SER D 203 -43.08 -34.26 13.12
CA SER D 203 -44.30 -33.57 12.72
C SER D 203 -43.95 -32.15 12.27
N PRO D 204 -44.43 -31.72 11.10
CA PRO D 204 -44.11 -30.37 10.63
C PRO D 204 -44.74 -29.30 11.51
N ILE D 205 -44.13 -28.13 11.50
CA ILE D 205 -44.65 -26.96 12.20
C ILE D 205 -45.40 -26.12 11.17
N VAL D 206 -46.72 -26.03 11.33
CA VAL D 206 -47.61 -25.52 10.30
C VAL D 206 -48.11 -24.13 10.67
N LYS D 207 -48.16 -23.25 9.67
CA LYS D 207 -48.80 -21.94 9.78
C LYS D 207 -49.59 -21.69 8.49
N SER D 208 -50.83 -21.22 8.64
CA SER D 208 -51.71 -21.04 7.49
C SER D 208 -52.68 -19.91 7.77
N PHE D 209 -53.44 -19.55 6.74
CA PHE D 209 -54.45 -18.52 6.88
C PHE D 209 -55.48 -18.67 5.75
N ASN D 210 -56.59 -17.96 5.90
CA ASN D 210 -57.60 -17.88 4.87
C ASN D 210 -57.89 -16.42 4.58
N ARG D 211 -58.02 -16.07 3.30
CA ARG D 211 -58.31 -14.70 2.91
C ARG D 211 -59.81 -14.45 2.87
NA NA E . 5.35 2.45 12.34
S SO4 F . 14.78 -15.18 7.70
O1 SO4 F . 13.97 -15.99 8.60
O2 SO4 F . 14.39 -15.42 6.32
O3 SO4 F . 14.58 -13.77 8.02
O4 SO4 F . 16.18 -15.52 7.89
NA NA G . -2.89 -7.56 13.64
#